data_4HUS
#
_entry.id   4HUS
#
_cell.length_a   93.308
_cell.length_b   184.735
_cell.length_c   98.567
_cell.angle_alpha   90.00
_cell.angle_beta   90.00
_cell.angle_gamma   90.00
#
_symmetry.space_group_name_H-M   'C 2 2 21'
#
loop_
_entity.id
_entity.type
_entity.pdbx_description
1 polymer 'Virginiamycin A acetyltransferase'
2 non-polymer 'SULFATE ION'
3 non-polymer 'SODIUM ION'
4 non-polymer 'CHLORIDE ION'
5 non-polymer 1,2-ETHANEDIOL
6 non-polymer DI(HYDROXYETHYL)ETHER
7 non-polymer 'VIRGINIAMYCIN M1'
8 non-polymer 'TRIETHYLENE GLYCOL'
9 water water
#
_entity_poly.entity_id   1
_entity_poly.type   'polypeptide(L)'
_entity_poly.pdbx_seq_one_letter_code
;GMNLNNDHGPDPENILPIKGNRNLQFIKPTITNENILVGEYSYYDSKRGESFEDQVLYHYEVIGDKLIIGRFCSIGPGTT
FIMNGANHRMDGSTYPFHLFRMGWEKYMPSLKDLPLKGDIEIGNDVWIGRDVTIMPGVKIGDGAIIAAEAVVTKNVAPYS
IVGGNPLKFIRKRFSDGVIEEWLALQWWNLDMKIINENLPFIINGDIEMLKRKRKLLDDT
;
_entity_poly.pdbx_strand_id   A,B,C
#
loop_
_chem_comp.id
_chem_comp.type
_chem_comp.name
_chem_comp.formula
CL non-polymer 'CHLORIDE ION' 'Cl -1'
EDO non-polymer 1,2-ETHANEDIOL 'C2 H6 O2'
NA non-polymer 'SODIUM ION' 'Na 1'
PEG non-polymer DI(HYDROXYETHYL)ETHER 'C4 H10 O3'
PGE non-polymer 'TRIETHYLENE GLYCOL' 'C6 H14 O4'
SO4 non-polymer 'SULFATE ION' 'O4 S -2'
VIR non-polymer 'VIRGINIAMYCIN M1' 'C28 H35 N3 O7'
#
# COMPACT_ATOMS: atom_id res chain seq x y z
N HIS A 8 -31.71 21.10 -12.40
CA HIS A 8 -30.51 20.55 -13.01
C HIS A 8 -29.60 19.89 -11.98
N GLY A 9 -29.14 18.69 -12.30
CA GLY A 9 -28.30 17.92 -11.41
C GLY A 9 -29.03 16.68 -10.94
N PRO A 10 -28.29 15.69 -10.45
CA PRO A 10 -28.82 14.43 -9.96
C PRO A 10 -29.46 14.58 -8.61
N ASP A 11 -30.21 13.57 -8.21
CA ASP A 11 -30.80 13.52 -6.89
C ASP A 11 -29.72 12.98 -5.96
N PRO A 12 -29.31 13.79 -4.98
CA PRO A 12 -28.26 13.42 -4.03
C PRO A 12 -28.67 12.26 -3.15
N GLU A 13 -29.97 11.93 -3.16
CA GLU A 13 -30.47 10.79 -2.42
C GLU A 13 -30.52 9.53 -3.28
N ASN A 14 -30.11 9.65 -4.53
CA ASN A 14 -30.03 8.50 -5.41
C ASN A 14 -28.69 7.79 -5.19
N ILE A 15 -28.75 6.59 -4.63
CA ILE A 15 -27.53 5.84 -4.32
C ILE A 15 -26.70 5.54 -5.56
N LEU A 16 -27.35 5.29 -6.68
CA LEU A 16 -26.61 4.99 -7.91
C LEU A 16 -26.99 5.95 -9.01
N PRO A 17 -26.36 7.12 -9.02
CA PRO A 17 -26.77 8.24 -9.88
C PRO A 17 -26.30 8.16 -11.32
N ILE A 18 -25.50 7.16 -11.67
CA ILE A 18 -25.07 7.00 -13.05
C ILE A 18 -25.70 5.76 -13.63
N LYS A 19 -26.34 5.91 -14.79
CA LYS A 19 -27.00 4.79 -15.44
C LYS A 19 -25.98 3.73 -15.84
N GLY A 20 -26.32 2.48 -15.57
CA GLY A 20 -25.45 1.38 -15.93
C GLY A 20 -24.24 1.18 -15.03
N ASN A 21 -24.08 2.06 -14.04
CA ASN A 21 -22.95 1.95 -13.15
C ASN A 21 -23.40 1.47 -11.78
N ARG A 22 -22.86 0.33 -11.37
CA ARG A 22 -23.25 -0.24 -10.09
C ARG A 22 -22.14 -0.07 -9.06
N ASN A 23 -21.11 0.69 -9.41
CA ASN A 23 -19.99 0.87 -8.48
C ASN A 23 -20.02 2.23 -7.83
N LEU A 24 -20.35 3.26 -8.61
CA LEU A 24 -20.34 4.61 -8.09
C LEU A 24 -21.57 4.92 -7.26
N GLN A 25 -21.33 5.28 -6.01
CA GLN A 25 -22.42 5.51 -5.06
C GLN A 25 -22.40 6.91 -4.47
N PHE A 26 -23.53 7.59 -4.50
CA PHE A 26 -23.66 8.76 -3.65
C PHE A 26 -23.65 8.25 -2.22
N ILE A 27 -22.72 8.77 -1.43
CA ILE A 27 -22.45 8.22 -0.10
C ILE A 27 -23.53 8.46 0.94
N LYS A 28 -24.04 9.68 1.02
CA LYS A 28 -25.01 10.05 2.06
C LYS A 28 -26.20 9.10 2.21
N PRO A 29 -26.88 8.75 1.12
CA PRO A 29 -28.04 7.86 1.32
C PRO A 29 -27.67 6.42 1.59
N THR A 30 -26.38 6.11 1.65
CA THR A 30 -25.97 4.75 2.07
C THR A 30 -25.57 4.67 3.54
N ILE A 31 -25.43 5.82 4.20
CA ILE A 31 -25.01 5.83 5.61
C ILE A 31 -26.09 5.29 6.52
N THR A 32 -25.71 4.34 7.38
CA THR A 32 -26.63 3.77 8.35
C THR A 32 -26.11 3.95 9.76
N ASN A 33 -24.80 4.14 9.85
CA ASN A 33 -24.15 4.18 11.15
C ASN A 33 -24.19 5.53 11.79
N GLU A 34 -24.26 5.52 13.12
CA GLU A 34 -24.07 6.73 13.88
C GLU A 34 -22.61 7.15 13.78
N ASN A 35 -22.38 8.42 14.04
CA ASN A 35 -21.04 8.98 14.11
C ASN A 35 -20.37 9.10 12.74
N ILE A 36 -21.18 9.02 11.69
CA ILE A 36 -20.70 9.30 10.34
C ILE A 36 -21.60 10.32 9.68
N LEU A 37 -21.03 11.37 9.15
CA LEU A 37 -21.85 12.35 8.45
C LEU A 37 -21.16 12.74 7.17
N VAL A 38 -21.84 12.55 6.05
CA VAL A 38 -21.25 12.86 4.74
C VAL A 38 -22.16 13.77 3.93
N GLY A 39 -21.58 14.83 3.36
CA GLY A 39 -22.34 15.78 2.58
C GLY A 39 -22.92 15.27 1.26
N GLU A 40 -24.02 15.90 0.85
CA GLU A 40 -24.62 15.65 -0.45
C GLU A 40 -23.62 15.66 -1.59
N TYR A 41 -23.90 14.84 -2.60
CA TYR A 41 -23.12 14.76 -3.84
C TYR A 41 -21.75 14.09 -3.74
N SER A 42 -21.22 13.97 -2.52
CA SER A 42 -19.99 13.24 -2.35
C SER A 42 -20.20 11.79 -2.69
N TYR A 43 -19.22 11.20 -3.38
CA TYR A 43 -19.45 9.84 -3.87
C TYR A 43 -18.29 8.93 -3.60
N TYR A 44 -18.60 7.63 -3.54
CA TYR A 44 -17.59 6.61 -3.40
C TYR A 44 -17.62 5.70 -4.62
N ASP A 45 -16.49 5.64 -5.31
CA ASP A 45 -16.40 4.81 -6.52
C ASP A 45 -15.84 3.45 -6.13
N SER A 46 -16.71 2.54 -5.72
CA SER A 46 -16.29 1.27 -5.16
C SER A 46 -15.62 0.38 -6.19
N LYS A 47 -14.80 -0.54 -5.70
CA LYS A 47 -14.14 -1.51 -6.55
C LYS A 47 -15.08 -2.58 -7.04
N ARG A 48 -15.96 -3.05 -6.17
CA ARG A 48 -16.76 -4.23 -6.45
C ARG A 48 -18.19 -4.09 -5.96
N GLY A 49 -18.61 -2.87 -5.70
CA GLY A 49 -19.95 -2.66 -5.17
C GLY A 49 -20.00 -2.56 -3.65
N GLU A 50 -18.86 -2.74 -2.98
CA GLU A 50 -18.81 -2.57 -1.54
C GLU A 50 -19.22 -1.16 -1.14
N SER A 51 -19.78 -1.04 0.06
CA SER A 51 -20.29 0.24 0.52
C SER A 51 -19.19 1.05 1.17
N PHE A 52 -19.48 2.33 1.32
CA PHE A 52 -18.55 3.24 1.95
C PHE A 52 -18.28 2.89 3.41
N GLU A 53 -19.32 2.46 4.12
CA GLU A 53 -19.17 2.09 5.54
C GLU A 53 -18.24 0.93 5.73
N ASP A 54 -18.19 0.02 4.76
CA ASP A 54 -17.23 -1.08 4.81
C ASP A 54 -15.79 -0.60 4.69
N GLN A 55 -15.59 0.66 4.34
CA GLN A 55 -14.24 1.20 4.23
C GLN A 55 -13.85 1.95 5.47
N VAL A 56 -14.79 2.10 6.39
CA VAL A 56 -14.48 2.76 7.64
C VAL A 56 -14.15 1.71 8.68
N LEU A 57 -12.94 1.80 9.24
CA LEU A 57 -12.43 0.73 10.11
C LEU A 57 -12.15 1.17 11.52
N TYR A 58 -12.26 0.23 12.44
CA TYR A 58 -11.98 0.47 13.85
C TYR A 58 -12.83 1.60 14.40
N HIS A 59 -14.11 1.61 14.04
CA HIS A 59 -15.01 2.68 14.43
C HIS A 59 -16.00 2.14 15.45
N TYR A 60 -15.78 2.49 16.70
CA TYR A 60 -16.60 1.97 17.79
C TYR A 60 -17.31 3.10 18.50
N GLU A 61 -18.60 2.93 18.72
CA GLU A 61 -19.40 3.99 19.32
C GLU A 61 -18.85 4.43 20.66
N VAL A 62 -18.43 3.48 21.49
CA VAL A 62 -17.95 3.81 22.84
C VAL A 62 -16.77 4.78 22.84
N ILE A 63 -15.97 4.78 21.77
CA ILE A 63 -14.85 5.70 21.67
C ILE A 63 -15.35 7.11 21.36
N GLY A 64 -16.42 7.18 20.58
CA GLY A 64 -17.09 8.44 20.32
C GLY A 64 -16.47 9.32 19.26
N ASP A 65 -15.48 8.80 18.53
CA ASP A 65 -14.93 9.56 17.42
C ASP A 65 -15.85 9.61 16.21
N LYS A 66 -15.77 10.70 15.44
CA LYS A 66 -16.68 10.91 14.33
C LYS A 66 -15.95 10.98 13.00
N LEU A 67 -16.62 10.54 11.95
CA LEU A 67 -16.12 10.75 10.60
C LEU A 67 -17.04 11.72 9.89
N ILE A 68 -16.48 12.85 9.48
CA ILE A 68 -17.24 13.90 8.84
C ILE A 68 -16.61 14.22 7.50
N ILE A 69 -17.44 14.17 6.47
CA ILE A 69 -16.99 14.53 5.13
C ILE A 69 -17.94 15.56 4.53
N GLY A 70 -17.37 16.58 3.90
CA GLY A 70 -18.13 17.65 3.29
C GLY A 70 -18.81 17.25 2.00
N ARG A 71 -19.20 18.25 1.22
CA ARG A 71 -19.97 18.01 0.02
C ARG A 71 -19.10 18.00 -1.24
N PHE A 72 -19.61 17.40 -2.30
CA PHE A 72 -18.95 17.37 -3.61
C PHE A 72 -17.55 16.77 -3.58
N CYS A 73 -17.37 15.73 -2.78
CA CYS A 73 -16.08 15.09 -2.68
C CYS A 73 -16.05 13.90 -3.61
N SER A 74 -14.87 13.64 -4.16
CA SER A 74 -14.68 12.45 -5.00
C SER A 74 -13.82 11.46 -4.25
N ILE A 75 -14.38 10.31 -3.90
CA ILE A 75 -13.65 9.32 -3.12
C ILE A 75 -13.32 8.04 -3.88
N GLY A 76 -12.02 7.80 -4.04
CA GLY A 76 -11.54 6.71 -4.87
C GLY A 76 -11.70 5.33 -4.26
N PRO A 77 -11.71 4.31 -5.12
CA PRO A 77 -11.83 2.89 -4.80
C PRO A 77 -10.77 2.52 -3.80
N GLY A 78 -11.18 1.88 -2.72
CA GLY A 78 -10.21 1.31 -1.78
C GLY A 78 -9.76 2.27 -0.72
N THR A 79 -10.25 3.50 -0.76
CA THR A 79 -9.93 4.46 0.28
C THR A 79 -10.41 3.96 1.61
N THR A 80 -9.53 3.96 2.59
CA THR A 80 -9.89 3.46 3.91
C THR A 80 -9.73 4.53 4.97
N PHE A 81 -10.65 4.49 5.91
CA PHE A 81 -10.61 5.44 7.02
C PHE A 81 -10.37 4.66 8.29
N ILE A 82 -9.20 4.89 8.87
CA ILE A 82 -8.87 4.25 10.14
C ILE A 82 -9.21 5.18 11.30
N MET A 83 -10.19 4.79 12.09
CA MET A 83 -10.54 5.51 13.29
C MET A 83 -9.78 4.97 14.49
N ASN A 84 -10.11 5.46 15.69
CA ASN A 84 -9.24 5.29 16.86
C ASN A 84 -9.27 3.95 17.56
N GLY A 85 -10.18 3.08 17.15
CA GLY A 85 -10.27 1.75 17.77
C GLY A 85 -9.08 0.88 17.46
N ALA A 86 -8.20 1.38 16.59
CA ALA A 86 -6.99 0.64 16.25
C ALA A 86 -5.85 0.94 17.21
N ASN A 87 -5.94 2.07 17.91
CA ASN A 87 -4.87 2.48 18.82
C ASN A 87 -4.71 1.58 20.04
N HIS A 88 -3.50 1.08 20.28
CA HIS A 88 -3.24 0.31 21.50
C HIS A 88 -2.70 1.24 22.57
N ARG A 89 -2.81 0.79 23.83
CA ARG A 89 -2.14 1.49 24.92
C ARG A 89 -0.62 1.45 24.76
N MET A 90 0.03 2.58 25.03
CA MET A 90 1.45 2.72 24.71
C MET A 90 2.31 3.03 25.92
N ASP A 91 1.69 3.05 27.10
CA ASP A 91 2.37 3.35 28.35
C ASP A 91 3.43 2.33 28.68
N GLY A 92 3.09 1.07 28.48
CA GLY A 92 4.00 -0.03 28.73
C GLY A 92 4.00 -0.97 27.55
N SER A 93 3.52 -2.19 27.76
CA SER A 93 3.33 -3.12 26.64
C SER A 93 2.11 -2.78 25.82
N THR A 94 2.22 -2.96 24.51
CA THR A 94 1.10 -2.73 23.60
C THR A 94 0.18 -3.93 23.50
N TYR A 95 0.53 -5.03 24.16
CA TYR A 95 -0.27 -6.24 24.04
C TYR A 95 -1.61 -6.05 24.73
N PRO A 96 -2.68 -6.30 24.01
CA PRO A 96 -4.03 -6.07 24.52
C PRO A 96 -4.52 -7.21 25.37
N PHE A 97 -3.97 -7.33 26.58
CA PHE A 97 -4.29 -8.46 27.47
C PHE A 97 -5.78 -8.65 27.70
N HIS A 98 -6.50 -7.55 27.87
CA HIS A 98 -7.91 -7.60 28.25
C HIS A 98 -8.77 -8.37 27.26
N LEU A 99 -8.35 -8.38 25.99
CA LEU A 99 -9.13 -9.02 24.95
C LEU A 99 -9.32 -10.49 25.22
N PHE A 100 -8.35 -11.10 25.86
CA PHE A 100 -8.37 -12.55 25.99
C PHE A 100 -9.03 -12.99 27.27
N ARG A 101 -9.31 -12.03 28.14
CA ARG A 101 -10.06 -12.28 29.35
C ARG A 101 -9.45 -13.34 30.28
N MET A 102 -10.31 -14.18 30.83
CA MET A 102 -9.91 -15.24 31.75
C MET A 102 -9.07 -14.74 32.91
N GLY A 103 -9.52 -13.61 33.47
CA GLY A 103 -8.77 -12.95 34.52
C GLY A 103 -8.18 -11.66 34.00
N TRP A 104 -7.80 -11.64 32.72
CA TRP A 104 -7.16 -10.47 32.16
C TRP A 104 -8.12 -9.33 31.81
N GLU A 105 -9.42 -9.59 31.93
CA GLU A 105 -10.39 -8.54 31.61
C GLU A 105 -10.38 -7.40 32.63
N LYS A 106 -9.68 -7.61 33.75
CA LYS A 106 -9.59 -6.58 34.77
C LYS A 106 -8.63 -5.51 34.32
N TYR A 107 -7.89 -5.80 33.27
CA TYR A 107 -6.96 -4.82 32.73
C TYR A 107 -7.58 -4.06 31.57
N MET A 108 -8.90 -4.09 31.49
CA MET A 108 -9.63 -3.29 30.51
C MET A 108 -9.21 -1.84 30.68
N PRO A 109 -8.76 -1.23 29.59
CA PRO A 109 -8.28 0.15 29.66
C PRO A 109 -9.42 1.12 29.70
N SER A 110 -9.14 2.32 30.20
CA SER A 110 -10.12 3.37 30.12
C SER A 110 -9.82 4.14 28.87
N LEU A 111 -10.80 4.88 28.39
CA LEU A 111 -10.62 5.68 27.19
C LEU A 111 -9.49 6.67 27.39
N LYS A 112 -9.31 7.11 28.62
CA LYS A 112 -8.24 8.05 28.90
C LYS A 112 -6.88 7.39 28.82
N ASP A 113 -6.82 6.08 28.91
CA ASP A 113 -5.54 5.39 28.78
C ASP A 113 -5.16 5.22 27.31
N LEU A 114 -6.13 5.36 26.41
CA LEU A 114 -5.86 5.12 25.01
C LEU A 114 -5.49 6.41 24.31
N PRO A 115 -4.49 6.33 23.42
CA PRO A 115 -3.99 7.49 22.68
C PRO A 115 -4.94 7.92 21.57
N LEU A 116 -6.05 8.53 21.94
CA LEU A 116 -7.07 8.95 20.96
C LEU A 116 -6.61 10.10 20.04
N LYS A 117 -6.97 10.01 18.76
CA LYS A 117 -6.60 11.03 17.76
C LYS A 117 -7.74 11.98 17.34
N GLY A 118 -8.92 11.83 17.93
CA GLY A 118 -10.08 12.61 17.54
C GLY A 118 -10.69 12.22 16.21
N ASP A 119 -11.49 13.14 15.66
CA ASP A 119 -12.28 12.88 14.47
C ASP A 119 -11.45 12.94 13.20
N ILE A 120 -11.90 12.23 12.19
CA ILE A 120 -11.40 12.50 10.87
C ILE A 120 -12.35 13.49 10.21
N GLU A 121 -11.82 14.64 9.82
CA GLU A 121 -12.66 15.67 9.20
C GLU A 121 -12.19 15.99 7.80
N ILE A 122 -13.09 15.79 6.85
CA ILE A 122 -12.80 16.07 5.46
C ILE A 122 -13.72 17.15 4.95
N GLY A 123 -13.12 18.16 4.32
CA GLY A 123 -13.85 19.30 3.82
C GLY A 123 -14.65 19.04 2.57
N ASN A 124 -14.88 20.12 1.81
CA ASN A 124 -15.67 20.02 0.60
C ASN A 124 -14.79 20.06 -0.64
N ASP A 125 -15.36 19.56 -1.73
CA ASP A 125 -14.70 19.51 -3.04
C ASP A 125 -13.33 18.87 -2.95
N VAL A 126 -13.28 17.73 -2.26
CA VAL A 126 -12.01 17.09 -2.03
C VAL A 126 -11.90 15.92 -2.97
N TRP A 127 -10.73 15.80 -3.60
CA TRP A 127 -10.46 14.66 -4.48
C TRP A 127 -9.54 13.69 -3.76
N ILE A 128 -10.02 12.48 -3.53
CA ILE A 128 -9.21 11.45 -2.85
C ILE A 128 -8.96 10.28 -3.76
N GLY A 129 -7.68 10.05 -4.04
CA GLY A 129 -7.29 9.02 -4.98
C GLY A 129 -7.53 7.61 -4.52
N ARG A 130 -7.38 6.67 -5.45
CA ARG A 130 -7.60 5.26 -5.18
C ARG A 130 -6.59 4.71 -4.19
N ASP A 131 -7.06 3.83 -3.31
CA ASP A 131 -6.21 3.18 -2.33
C ASP A 131 -5.49 4.15 -1.40
N VAL A 132 -6.16 5.24 -1.02
CA VAL A 132 -5.64 6.11 -0.01
C VAL A 132 -6.00 5.57 1.36
N THR A 133 -5.09 5.75 2.31
CA THR A 133 -5.39 5.39 3.69
C THR A 133 -5.33 6.62 4.54
N ILE A 134 -6.42 6.88 5.26
CA ILE A 134 -6.50 8.04 6.14
C ILE A 134 -6.43 7.62 7.61
N MET A 135 -5.44 8.16 8.31
CA MET A 135 -5.18 7.80 9.69
C MET A 135 -6.06 8.57 10.67
N PRO A 136 -6.15 8.09 11.91
CA PRO A 136 -7.06 8.69 12.90
C PRO A 136 -6.79 10.16 13.17
N GLY A 137 -7.86 10.94 13.25
CA GLY A 137 -7.79 12.32 13.68
C GLY A 137 -7.31 13.34 12.67
N VAL A 138 -7.17 12.92 11.44
CA VAL A 138 -6.64 13.78 10.39
C VAL A 138 -7.71 14.77 9.90
N LYS A 139 -7.29 15.99 9.58
CA LYS A 139 -8.20 16.97 8.97
C LYS A 139 -7.76 17.33 7.56
N ILE A 140 -8.70 17.26 6.60
CA ILE A 140 -8.40 17.62 5.22
C ILE A 140 -9.23 18.80 4.75
N GLY A 141 -8.56 19.88 4.41
CA GLY A 141 -9.24 21.11 4.06
C GLY A 141 -9.91 21.08 2.71
N ASP A 142 -10.79 22.05 2.49
CA ASP A 142 -11.52 22.17 1.25
C ASP A 142 -10.64 22.18 0.01
N GLY A 143 -11.15 21.60 -1.07
CA GLY A 143 -10.48 21.66 -2.36
C GLY A 143 -9.17 20.90 -2.49
N ALA A 144 -8.83 20.08 -1.50
CA ALA A 144 -7.57 19.34 -1.55
C ALA A 144 -7.56 18.18 -2.52
N ILE A 145 -6.37 17.68 -2.80
CA ILE A 145 -6.17 16.54 -3.68
C ILE A 145 -5.16 15.59 -3.08
N ILE A 146 -5.59 14.36 -2.82
CA ILE A 146 -4.71 13.37 -2.25
C ILE A 146 -4.39 12.34 -3.31
N ALA A 147 -3.09 12.17 -3.56
CA ALA A 147 -2.62 11.21 -4.57
C ALA A 147 -2.98 9.80 -4.21
N ALA A 148 -3.21 9.00 -5.24
CA ALA A 148 -3.46 7.57 -5.05
C ALA A 148 -2.36 6.91 -4.22
N GLU A 149 -2.77 5.92 -3.42
CA GLU A 149 -1.89 5.15 -2.51
C GLU A 149 -1.28 5.97 -1.37
N ALA A 150 -1.70 7.21 -1.20
CA ALA A 150 -1.18 8.00 -0.10
C ALA A 150 -1.62 7.45 1.23
N VAL A 151 -0.74 7.56 2.22
CA VAL A 151 -1.16 7.30 3.57
C VAL A 151 -1.17 8.64 4.28
N VAL A 152 -2.38 9.11 4.57
CA VAL A 152 -2.53 10.44 5.14
C VAL A 152 -2.30 10.41 6.62
N THR A 153 -1.09 10.80 6.98
CA THR A 153 -0.61 10.69 8.34
C THR A 153 -0.72 12.00 9.12
N LYS A 154 -1.16 13.06 8.44
CA LYS A 154 -1.29 14.36 9.10
C LYS A 154 -2.27 15.25 8.38
N ASN A 155 -2.51 16.41 8.95
CA ASN A 155 -3.48 17.33 8.37
C ASN A 155 -3.08 17.83 6.99
N VAL A 156 -4.09 18.18 6.20
CA VAL A 156 -3.88 18.59 4.83
C VAL A 156 -4.50 19.95 4.59
N ALA A 157 -3.65 20.90 4.23
CA ALA A 157 -4.07 22.27 3.99
C ALA A 157 -5.06 22.38 2.84
N PRO A 158 -5.96 23.36 2.91
CA PRO A 158 -6.97 23.50 1.85
C PRO A 158 -6.32 23.79 0.53
N TYR A 159 -6.91 23.24 -0.53
CA TYR A 159 -6.43 23.44 -1.89
C TYR A 159 -4.96 23.11 -2.04
N SER A 160 -4.50 22.10 -1.31
CA SER A 160 -3.14 21.61 -1.53
C SER A 160 -3.14 20.21 -2.11
N ILE A 161 -2.02 19.86 -2.73
CA ILE A 161 -1.83 18.54 -3.29
C ILE A 161 -0.81 17.79 -2.44
N VAL A 162 -1.14 16.56 -2.05
CA VAL A 162 -0.28 15.76 -1.21
C VAL A 162 -0.24 14.31 -1.67
N GLY A 163 0.73 13.55 -1.18
CA GLY A 163 0.85 12.16 -1.54
C GLY A 163 2.01 11.49 -0.84
N GLY A 164 2.12 10.18 -1.02
CA GLY A 164 3.21 9.43 -0.42
C GLY A 164 2.88 8.74 0.89
N ASN A 165 3.78 7.86 1.31
CA ASN A 165 3.73 7.27 2.64
C ASN A 165 5.12 7.31 3.25
N PRO A 166 5.31 8.17 4.26
CA PRO A 166 4.27 9.01 4.82
C PRO A 166 3.97 10.22 3.96
N LEU A 167 2.86 10.87 4.27
CA LEU A 167 2.36 11.96 3.45
C LEU A 167 3.37 13.07 3.25
N LYS A 168 3.61 13.40 1.99
CA LYS A 168 4.48 14.50 1.65
C LYS A 168 3.65 15.60 1.03
N PHE A 169 3.93 16.84 1.41
CA PHE A 169 3.32 17.98 0.73
C PHE A 169 3.90 18.04 -0.67
N ILE A 170 3.05 18.37 -1.64
CA ILE A 170 3.53 18.52 -3.01
C ILE A 170 3.48 19.96 -3.46
N ARG A 171 2.28 20.53 -3.58
CA ARG A 171 2.16 21.94 -3.95
C ARG A 171 0.80 22.49 -3.60
N LYS A 172 0.71 23.80 -3.45
CA LYS A 172 -0.59 24.45 -3.41
C LYS A 172 -1.12 24.45 -4.83
N ARG A 173 -2.44 24.46 -4.95
CA ARG A 173 -3.05 24.45 -6.27
C ARG A 173 -3.12 25.85 -6.85
N PHE A 174 -3.33 26.83 -5.98
CA PHE A 174 -3.49 28.21 -6.40
C PHE A 174 -2.66 29.12 -5.51
N SER A 175 -2.60 30.41 -5.85
CA SER A 175 -1.92 31.37 -5.01
C SER A 175 -2.69 31.49 -3.71
N ASP A 176 -2.01 31.95 -2.67
CA ASP A 176 -2.64 32.07 -1.37
C ASP A 176 -3.82 33.00 -1.44
N GLY A 177 -3.74 33.97 -2.33
CA GLY A 177 -4.84 34.91 -2.50
C GLY A 177 -6.06 34.24 -3.08
N VAL A 178 -5.85 33.42 -4.10
CA VAL A 178 -6.97 32.74 -4.75
C VAL A 178 -7.60 31.70 -3.83
N ILE A 179 -6.77 31.00 -3.07
CA ILE A 179 -7.26 30.05 -2.08
C ILE A 179 -8.16 30.75 -1.07
N GLU A 180 -7.74 31.95 -0.64
CA GLU A 180 -8.55 32.71 0.33
C GLU A 180 -9.88 33.09 -0.28
N GLU A 181 -9.89 33.32 -1.58
CA GLU A 181 -11.12 33.66 -2.26
C GLU A 181 -12.05 32.45 -2.37
N TRP A 182 -11.51 31.27 -2.67
CA TRP A 182 -12.36 30.08 -2.71
C TRP A 182 -12.93 29.75 -1.34
N LEU A 183 -12.07 29.78 -0.34
CA LEU A 183 -12.47 29.54 1.03
C LEU A 183 -13.57 30.49 1.50
N ALA A 184 -13.51 31.74 1.04
CA ALA A 184 -14.51 32.73 1.47
C ALA A 184 -15.84 32.52 0.78
N LEU A 185 -15.79 32.05 -0.46
CA LEU A 185 -16.99 31.89 -1.26
C LEU A 185 -17.81 30.69 -0.83
N GLN A 186 -17.14 29.57 -0.56
CA GLN A 186 -17.79 28.33 -0.16
C GLN A 186 -18.90 27.98 -1.11
N TRP A 187 -18.57 27.75 -2.38
CA TRP A 187 -19.59 27.52 -3.40
C TRP A 187 -20.46 26.30 -3.08
N TRP A 188 -19.86 25.33 -2.40
CA TRP A 188 -20.54 24.10 -2.04
C TRP A 188 -21.69 24.26 -1.07
N ASN A 189 -21.77 25.41 -0.41
CA ASN A 189 -22.83 25.63 0.56
C ASN A 189 -23.93 26.50 -0.02
N LEU A 190 -23.70 26.97 -1.24
CA LEU A 190 -24.69 27.81 -1.90
C LEU A 190 -25.87 26.97 -2.36
N ASP A 191 -27.00 27.62 -2.52
CA ASP A 191 -28.19 26.99 -3.04
C ASP A 191 -27.90 26.45 -4.44
N MET A 192 -28.50 25.32 -4.78
CA MET A 192 -28.21 24.67 -6.05
C MET A 192 -28.50 25.56 -7.25
N LYS A 193 -29.58 26.33 -7.17
CA LYS A 193 -29.92 27.27 -8.24
C LYS A 193 -28.75 28.18 -8.51
N ILE A 194 -28.11 28.65 -7.45
CA ILE A 194 -26.95 29.51 -7.58
C ILE A 194 -25.74 28.75 -8.13
N ILE A 195 -25.51 27.55 -7.63
CA ILE A 195 -24.41 26.71 -8.09
C ILE A 195 -24.58 26.39 -9.56
N ASN A 196 -25.80 26.05 -9.96
CA ASN A 196 -26.10 25.81 -11.36
C ASN A 196 -25.81 27.02 -12.22
N GLU A 197 -26.16 28.21 -11.75
CA GLU A 197 -25.84 29.44 -12.47
C GLU A 197 -24.34 29.64 -12.62
N ASN A 198 -23.58 29.09 -11.67
CA ASN A 198 -22.16 29.39 -11.63
C ASN A 198 -21.22 28.25 -12.02
N LEU A 199 -21.78 27.09 -12.39
CA LEU A 199 -20.97 25.92 -12.70
C LEU A 199 -19.81 26.12 -13.68
N PRO A 200 -20.04 26.85 -14.79
CA PRO A 200 -18.91 27.04 -15.72
C PRO A 200 -17.67 27.63 -15.06
N PHE A 201 -17.87 28.47 -14.07
CA PHE A 201 -16.74 29.16 -13.44
C PHE A 201 -16.21 28.39 -12.24
N ILE A 202 -17.09 27.64 -11.60
CA ILE A 202 -16.65 26.72 -10.56
C ILE A 202 -15.75 25.66 -11.17
N ILE A 203 -16.12 25.19 -12.35
CA ILE A 203 -15.38 24.16 -13.06
C ILE A 203 -14.11 24.67 -13.74
N ASN A 204 -14.19 25.80 -14.44
CA ASN A 204 -12.98 26.36 -15.08
C ASN A 204 -12.07 27.19 -14.19
N GLY A 205 -12.52 27.47 -12.97
CA GLY A 205 -11.64 28.06 -11.97
C GLY A 205 -11.60 29.57 -12.00
N ASP A 206 -12.52 30.19 -12.74
CA ASP A 206 -12.53 31.64 -12.86
C ASP A 206 -13.14 32.32 -11.66
N ILE A 207 -12.34 32.48 -10.61
CA ILE A 207 -12.80 33.03 -9.35
C ILE A 207 -13.17 34.50 -9.45
N GLU A 208 -12.41 35.27 -10.22
CA GLU A 208 -12.70 36.68 -10.43
C GLU A 208 -14.13 36.89 -10.91
N MET A 209 -14.53 36.15 -11.93
CA MET A 209 -15.88 36.22 -12.45
C MET A 209 -16.91 35.73 -11.45
N LEU A 210 -16.57 34.68 -10.72
CA LEU A 210 -17.45 34.15 -9.70
C LEU A 210 -17.77 35.23 -8.68
N LYS A 211 -16.73 35.96 -8.28
CA LYS A 211 -16.88 37.04 -7.31
C LYS A 211 -17.89 38.07 -7.75
N ARG A 212 -17.87 38.41 -9.04
CA ARG A 212 -18.83 39.36 -9.58
C ARG A 212 -20.25 38.82 -9.54
N LYS A 213 -20.46 37.66 -10.17
CA LYS A 213 -21.77 37.04 -10.22
C LYS A 213 -22.52 37.05 -8.89
N ARG A 214 -21.79 36.97 -7.79
CA ARG A 214 -22.41 37.02 -6.49
C ARG A 214 -23.00 38.39 -6.20
N LYS A 215 -22.30 39.45 -6.59
CA LYS A 215 -22.77 40.80 -6.33
C LYS A 215 -23.08 41.01 -4.85
N LEU A 216 -22.05 41.19 -4.05
CA LEU A 216 -22.22 41.27 -2.61
C LEU A 216 -22.52 42.67 -2.13
N LEU A 217 -22.81 42.76 -0.83
CA LEU A 217 -23.24 43.99 -0.20
C LEU A 217 -22.11 44.99 -0.07
N ASP A 218 -20.89 44.52 -0.21
CA ASP A 218 -19.72 45.40 -0.08
C ASP A 218 -19.01 45.78 -1.38
N ASP A 219 -19.67 45.61 -2.53
CA ASP A 219 -19.17 46.25 -3.74
C ASP A 219 -19.28 47.76 -3.55
N ASP B 7 -3.41 -18.33 37.69
CA ASP B 7 -3.84 -19.13 36.54
C ASP B 7 -4.48 -18.25 35.49
N HIS B 8 -4.50 -16.95 35.74
CA HIS B 8 -5.18 -16.03 34.85
C HIS B 8 -4.58 -16.08 33.48
N GLY B 9 -5.44 -15.93 32.49
CA GLY B 9 -4.96 -15.86 31.13
C GLY B 9 -5.47 -16.97 30.26
N PRO B 10 -5.40 -16.76 28.96
CA PRO B 10 -5.86 -17.64 27.89
C PRO B 10 -4.86 -18.74 27.67
N ASP B 11 -5.31 -19.80 27.00
CA ASP B 11 -4.46 -20.93 26.70
C ASP B 11 -3.78 -20.62 25.39
N PRO B 12 -2.45 -20.58 25.40
CA PRO B 12 -1.69 -20.24 24.19
C PRO B 12 -1.80 -21.32 23.11
N GLU B 13 -2.37 -22.47 23.42
CA GLU B 13 -2.63 -23.48 22.40
C GLU B 13 -4.00 -23.31 21.74
N ASN B 14 -4.78 -22.34 22.21
CA ASN B 14 -6.10 -22.13 21.67
C ASN B 14 -6.00 -21.28 20.41
N ILE B 15 -6.37 -21.84 19.26
CA ILE B 15 -6.25 -21.09 18.02
C ILE B 15 -7.13 -19.84 18.01
N LEU B 16 -8.33 -19.96 18.59
CA LEU B 16 -9.27 -18.84 18.60
C LEU B 16 -9.67 -18.50 20.04
N PRO B 17 -8.83 -17.77 20.73
CA PRO B 17 -8.97 -17.54 22.18
C PRO B 17 -9.99 -16.47 22.51
N ILE B 18 -10.46 -15.71 21.54
CA ILE B 18 -11.50 -14.75 21.88
C ILE B 18 -12.84 -15.24 21.41
N LYS B 19 -13.77 -15.29 22.36
CA LYS B 19 -15.10 -15.80 22.13
C LYS B 19 -15.85 -14.95 21.15
N GLY B 20 -16.46 -15.56 20.16
CA GLY B 20 -17.20 -14.85 19.15
C GLY B 20 -16.31 -14.32 18.04
N ASN B 21 -15.00 -14.39 18.24
CA ASN B 21 -14.06 -13.85 17.28
C ASN B 21 -13.42 -14.95 16.43
N ARG B 22 -13.66 -14.87 15.14
CA ARG B 22 -13.16 -15.87 14.19
C ARG B 22 -12.00 -15.34 13.38
N ASN B 23 -11.54 -14.14 13.70
CA ASN B 23 -10.47 -13.53 12.94
C ASN B 23 -9.16 -13.53 13.67
N LEU B 24 -9.20 -13.32 14.98
CA LEU B 24 -7.99 -13.19 15.74
C LEU B 24 -7.49 -14.55 16.21
N GLN B 25 -6.26 -14.89 15.79
CA GLN B 25 -5.74 -16.22 16.07
C GLN B 25 -4.41 -16.20 16.77
N PHE B 26 -4.27 -17.07 17.76
CA PHE B 26 -2.96 -17.33 18.31
C PHE B 26 -2.14 -18.04 17.24
N ILE B 27 -0.99 -17.48 16.93
CA ILE B 27 -0.26 -17.93 15.75
C ILE B 27 0.37 -19.30 15.90
N LYS B 28 1.03 -19.52 17.04
CA LYS B 28 1.78 -20.77 17.25
C LYS B 28 1.00 -22.05 16.99
N PRO B 29 -0.19 -22.21 17.56
CA PRO B 29 -0.88 -23.47 17.28
C PRO B 29 -1.45 -23.59 15.86
N THR B 30 -1.24 -22.60 14.99
CA THR B 30 -1.72 -22.73 13.61
C THR B 30 -0.60 -23.13 12.66
N ILE B 31 0.64 -23.09 13.16
CA ILE B 31 1.79 -23.38 12.32
C ILE B 31 1.84 -24.81 11.86
N THR B 32 2.14 -24.97 10.57
CA THR B 32 2.03 -26.24 9.89
C THR B 32 3.34 -26.46 9.16
N ASN B 33 3.97 -25.36 8.78
CA ASN B 33 5.22 -25.40 8.04
C ASN B 33 6.42 -25.32 8.97
N GLU B 34 7.54 -25.86 8.52
CA GLU B 34 8.76 -25.78 9.29
C GLU B 34 9.46 -24.52 8.85
N ASN B 35 10.44 -24.09 9.64
CA ASN B 35 11.12 -22.80 9.43
C ASN B 35 10.25 -21.57 9.74
N ILE B 36 9.16 -21.79 10.47
CA ILE B 36 8.41 -20.67 11.03
C ILE B 36 8.27 -20.94 12.52
N LEU B 37 8.98 -20.15 13.32
CA LEU B 37 8.98 -20.34 14.75
C LEU B 37 8.34 -19.12 15.42
N VAL B 38 7.17 -19.30 16.01
CA VAL B 38 6.45 -18.20 16.62
C VAL B 38 6.13 -18.49 18.08
N GLY B 39 6.47 -17.53 18.93
CA GLY B 39 6.24 -17.68 20.36
C GLY B 39 4.80 -17.58 20.78
N GLU B 40 4.56 -18.09 21.98
CA GLU B 40 3.25 -18.05 22.60
C GLU B 40 2.64 -16.65 22.68
N TYR B 41 1.30 -16.64 22.72
CA TYR B 41 0.51 -15.41 22.88
C TYR B 41 0.58 -14.43 21.72
N SER B 42 1.54 -14.63 20.82
CA SER B 42 1.58 -13.79 19.63
C SER B 42 0.38 -14.08 18.75
N TYR B 43 -0.25 -13.02 18.28
CA TYR B 43 -1.48 -13.23 17.53
C TYR B 43 -1.45 -12.58 16.17
N TYR B 44 -2.28 -13.14 15.30
CA TYR B 44 -2.55 -12.55 14.00
C TYR B 44 -4.03 -12.27 13.91
N ASP B 45 -4.38 -11.01 13.69
CA ASP B 45 -5.78 -10.62 13.58
C ASP B 45 -6.15 -10.58 12.11
N SER B 46 -6.61 -11.70 11.59
CA SER B 46 -6.84 -11.82 10.15
C SER B 46 -7.95 -10.93 9.61
N LYS B 47 -7.85 -10.61 8.33
CA LYS B 47 -8.91 -9.84 7.68
C LYS B 47 -10.18 -10.66 7.59
N ARG B 48 -10.06 -11.89 7.13
CA ARG B 48 -11.26 -12.70 6.93
C ARG B 48 -11.03 -14.17 7.21
N GLY B 49 -10.28 -14.46 8.27
CA GLY B 49 -10.11 -15.84 8.68
C GLY B 49 -8.90 -16.54 8.09
N GLU B 50 -8.16 -15.85 7.24
CA GLU B 50 -6.97 -16.46 6.64
C GLU B 50 -5.96 -16.79 7.70
N SER B 51 -5.10 -17.74 7.40
CA SER B 51 -4.09 -18.19 8.35
C SER B 51 -2.86 -17.34 8.24
N PHE B 52 -2.10 -17.31 9.31
CA PHE B 52 -0.86 -16.58 9.35
C PHE B 52 0.13 -17.05 8.26
N GLU B 53 0.17 -18.36 8.04
CA GLU B 53 1.08 -18.95 7.05
C GLU B 53 0.79 -18.48 5.64
N ASP B 54 -0.49 -18.27 5.33
CA ASP B 54 -0.85 -17.73 4.01
C ASP B 54 -0.24 -16.35 3.80
N GLN B 55 0.12 -15.68 4.89
CA GLN B 55 0.71 -14.36 4.77
C GLN B 55 2.21 -14.44 4.60
N VAL B 56 2.74 -15.65 4.53
CA VAL B 56 4.18 -15.82 4.36
C VAL B 56 4.50 -16.24 2.93
N LEU B 57 5.23 -15.38 2.23
CA LEU B 57 5.37 -15.52 0.78
C LEU B 57 6.79 -15.81 0.37
N TYR B 58 6.92 -16.43 -0.80
CA TYR B 58 8.21 -16.79 -1.38
C TYR B 58 9.06 -17.57 -0.40
N HIS B 59 8.42 -18.48 0.33
CA HIS B 59 9.10 -19.23 1.38
C HIS B 59 9.29 -20.67 0.97
N TYR B 60 10.46 -20.98 0.44
CA TYR B 60 10.74 -22.34 -0.02
C TYR B 60 11.76 -23.04 0.85
N GLU B 61 11.48 -24.31 1.18
CA GLU B 61 12.38 -25.14 1.96
C GLU B 61 13.79 -25.20 1.39
N VAL B 62 13.88 -25.19 0.06
CA VAL B 62 15.18 -25.28 -0.59
C VAL B 62 16.09 -24.11 -0.23
N ILE B 63 15.51 -22.94 0.00
CA ILE B 63 16.32 -21.80 0.39
C ILE B 63 16.69 -21.86 1.87
N GLY B 64 15.77 -22.37 2.69
CA GLY B 64 16.06 -22.64 4.09
C GLY B 64 16.02 -21.43 4.99
N ASP B 65 15.55 -20.30 4.46
CA ASP B 65 15.43 -19.12 5.29
C ASP B 65 14.29 -19.28 6.30
N LYS B 66 14.42 -18.61 7.44
CA LYS B 66 13.45 -18.78 8.52
C LYS B 66 12.76 -17.49 8.89
N LEU B 67 11.49 -17.62 9.24
CA LEU B 67 10.75 -16.52 9.87
C LEU B 67 10.62 -16.81 11.35
N ILE B 68 11.18 -15.92 12.16
CA ILE B 68 11.18 -16.11 13.59
C ILE B 68 10.52 -14.94 14.30
N ILE B 69 9.55 -15.26 15.14
CA ILE B 69 8.78 -14.26 15.88
C ILE B 69 8.71 -14.65 17.35
N GLY B 70 8.89 -13.65 18.23
CA GLY B 70 8.88 -13.89 19.66
C GLY B 70 7.50 -14.00 20.29
N ARG B 71 7.42 -13.63 21.54
CA ARG B 71 6.20 -13.73 22.31
C ARG B 71 5.43 -12.43 22.45
N PHE B 72 4.13 -12.54 22.65
CA PHE B 72 3.26 -11.39 22.89
C PHE B 72 3.30 -10.35 21.82
N CYS B 73 3.38 -10.80 20.57
CA CYS B 73 3.38 -9.88 19.45
C CYS B 73 1.97 -9.68 18.95
N SER B 74 1.68 -8.47 18.50
CA SER B 74 0.38 -8.13 17.95
C SER B 74 0.54 -7.85 16.48
N ILE B 75 0.08 -8.77 15.64
CA ILE B 75 0.27 -8.62 14.21
C ILE B 75 -1.04 -8.32 13.49
N GLY B 76 -1.08 -7.16 12.87
CA GLY B 76 -2.30 -6.67 12.25
C GLY B 76 -2.65 -7.37 10.96
N PRO B 77 -3.91 -7.25 10.56
CA PRO B 77 -4.47 -7.87 9.35
C PRO B 77 -3.71 -7.48 8.11
N GLY B 78 -3.45 -8.47 7.26
CA GLY B 78 -2.83 -8.18 5.98
C GLY B 78 -1.33 -7.97 6.06
N THR B 79 -0.73 -8.17 7.23
CA THR B 79 0.72 -8.13 7.31
C THR B 79 1.24 -9.26 6.46
N THR B 80 2.25 -8.98 5.66
CA THR B 80 2.84 -10.03 4.83
C THR B 80 4.33 -10.11 5.06
N PHE B 81 4.86 -11.31 4.92
CA PHE B 81 6.26 -11.56 5.18
C PHE B 81 6.87 -12.12 3.92
N ILE B 82 7.73 -11.32 3.31
CA ILE B 82 8.33 -11.69 2.05
C ILE B 82 9.70 -12.31 2.29
N MET B 83 9.76 -13.62 2.11
CA MET B 83 11.00 -14.34 2.34
C MET B 83 11.84 -14.31 1.08
N ASN B 84 12.88 -15.13 1.03
CA ASN B 84 13.93 -14.92 0.05
C ASN B 84 13.71 -15.36 -1.40
N GLY B 85 12.63 -16.08 -1.66
CA GLY B 85 12.37 -16.50 -3.03
C GLY B 85 12.05 -15.35 -3.97
N ALA B 86 11.91 -14.14 -3.42
CA ALA B 86 11.48 -12.99 -4.21
C ALA B 86 12.61 -12.34 -4.98
N ASN B 87 13.85 -12.62 -4.61
CA ASN B 87 14.95 -11.90 -5.24
C ASN B 87 15.50 -12.62 -6.46
N HIS B 88 15.58 -11.89 -7.56
CA HIS B 88 16.01 -12.42 -8.84
C HIS B 88 17.49 -12.32 -8.96
N ARG B 89 18.09 -13.19 -9.76
CA ARG B 89 19.50 -13.02 -10.06
C ARG B 89 19.72 -11.65 -10.66
N MET B 90 20.80 -10.98 -10.24
CA MET B 90 21.00 -9.57 -10.61
C MET B 90 22.34 -9.30 -11.30
N ASP B 91 23.08 -10.35 -11.64
CA ASP B 91 24.35 -10.21 -12.35
C ASP B 91 24.10 -9.84 -13.80
N GLY B 92 23.17 -10.57 -14.42
CA GLY B 92 22.79 -10.29 -15.80
C GLY B 92 21.35 -9.86 -15.90
N SER B 93 20.58 -10.60 -16.68
CA SER B 93 19.14 -10.37 -16.77
C SER B 93 18.41 -10.94 -15.57
N THR B 94 17.35 -10.27 -15.15
CA THR B 94 16.58 -10.72 -13.99
C THR B 94 15.60 -11.80 -14.39
N TYR B 95 15.52 -12.08 -15.69
CA TYR B 95 14.50 -13.00 -16.19
C TYR B 95 14.89 -14.42 -15.78
N PRO B 96 13.94 -15.15 -15.20
CA PRO B 96 14.09 -16.52 -14.70
C PRO B 96 13.80 -17.56 -15.77
N PHE B 97 14.72 -17.75 -16.69
CA PHE B 97 14.51 -18.64 -17.82
C PHE B 97 14.18 -20.06 -17.40
N HIS B 98 14.88 -20.56 -16.39
CA HIS B 98 14.80 -21.95 -15.99
C HIS B 98 13.41 -22.43 -15.61
N LEU B 99 12.57 -21.52 -15.12
CA LEU B 99 11.24 -21.88 -14.69
C LEU B 99 10.41 -22.38 -15.85
N PHE B 100 10.76 -21.94 -17.05
CA PHE B 100 9.98 -22.29 -18.21
C PHE B 100 10.41 -23.60 -18.87
N ARG B 101 11.57 -24.11 -18.46
CA ARG B 101 12.11 -25.37 -18.95
C ARG B 101 12.15 -25.44 -20.47
N MET B 102 11.73 -26.57 -21.05
CA MET B 102 11.83 -26.80 -22.48
C MET B 102 13.25 -26.53 -22.96
N GLY B 103 14.21 -26.93 -22.13
CA GLY B 103 15.61 -26.68 -22.44
C GLY B 103 16.28 -25.74 -21.46
N TRP B 104 15.57 -24.69 -21.06
CA TRP B 104 16.17 -23.66 -20.24
C TRP B 104 16.40 -24.11 -18.81
N GLU B 105 15.80 -25.23 -18.42
CA GLU B 105 15.99 -25.77 -17.08
C GLU B 105 17.48 -25.94 -16.75
N LYS B 106 18.30 -26.03 -17.80
CA LYS B 106 19.76 -25.98 -17.67
C LYS B 106 20.24 -24.84 -16.81
N TYR B 107 19.58 -23.69 -16.93
CA TYR B 107 20.10 -22.48 -16.33
C TYR B 107 19.58 -22.27 -14.92
N MET B 108 19.18 -23.36 -14.29
CA MET B 108 18.77 -23.34 -12.88
C MET B 108 19.92 -22.78 -12.07
N PRO B 109 19.67 -21.67 -11.39
CA PRO B 109 20.71 -20.90 -10.69
C PRO B 109 21.11 -21.58 -9.41
N SER B 110 22.33 -21.32 -8.96
CA SER B 110 22.75 -21.79 -7.66
C SER B 110 22.61 -20.67 -6.66
N LEU B 111 22.33 -21.03 -5.41
CA LEU B 111 21.91 -20.08 -4.39
C LEU B 111 22.93 -18.99 -4.17
N LYS B 112 24.19 -19.36 -4.33
CA LYS B 112 25.29 -18.43 -4.22
C LYS B 112 25.18 -17.28 -5.22
N ASP B 113 24.41 -17.49 -6.29
CA ASP B 113 24.27 -16.48 -7.33
C ASP B 113 23.08 -15.57 -7.06
N LEU B 114 22.34 -15.89 -6.01
CA LEU B 114 21.18 -15.10 -5.63
C LEU B 114 21.51 -14.15 -4.49
N PRO B 115 20.95 -12.94 -4.55
CA PRO B 115 21.15 -12.00 -3.45
C PRO B 115 20.37 -12.42 -2.21
N LEU B 116 20.72 -13.57 -1.65
CA LEU B 116 20.07 -14.09 -0.44
C LEU B 116 20.21 -13.11 0.75
N LYS B 117 19.27 -13.14 1.70
CA LYS B 117 19.28 -12.19 2.82
C LYS B 117 19.23 -12.79 4.22
N GLY B 118 18.84 -14.05 4.34
CA GLY B 118 18.75 -14.64 5.67
C GLY B 118 17.40 -14.47 6.35
N ASP B 119 17.34 -14.84 7.63
CA ASP B 119 16.09 -14.88 8.39
C ASP B 119 15.39 -13.56 8.60
N ILE B 120 14.07 -13.60 8.65
CA ILE B 120 13.32 -12.51 9.23
C ILE B 120 13.17 -12.82 10.71
N GLU B 121 13.63 -11.89 11.55
CA GLU B 121 13.61 -12.10 12.99
C GLU B 121 12.89 -10.97 13.67
N ILE B 122 11.81 -11.32 14.36
CA ILE B 122 11.02 -10.34 15.09
C ILE B 122 11.01 -10.68 16.56
N GLY B 123 11.31 -9.66 17.39
CA GLY B 123 11.43 -9.82 18.82
C GLY B 123 10.12 -10.03 19.55
N ASN B 124 10.10 -9.61 20.81
CA ASN B 124 8.93 -9.80 21.66
C ASN B 124 8.17 -8.52 21.87
N ASP B 125 6.89 -8.65 22.18
CA ASP B 125 6.03 -7.52 22.50
C ASP B 125 6.04 -6.50 21.37
N VAL B 126 6.03 -7.00 20.14
CA VAL B 126 6.10 -6.14 18.97
C VAL B 126 4.74 -5.89 18.37
N TRP B 127 4.43 -4.63 18.13
CA TRP B 127 3.14 -4.25 17.56
C TRP B 127 3.30 -3.92 16.10
N ILE B 128 2.71 -4.76 15.26
CA ILE B 128 2.80 -4.56 13.82
C ILE B 128 1.45 -4.19 13.26
N GLY B 129 1.39 -3.00 12.66
CA GLY B 129 0.15 -2.47 12.15
C GLY B 129 -0.42 -3.16 10.93
N ARG B 130 -1.66 -2.81 10.59
CA ARG B 130 -2.32 -3.34 9.41
C ARG B 130 -1.55 -3.19 8.10
N ASP B 131 -1.57 -4.24 7.29
CA ASP B 131 -1.03 -4.23 5.92
C ASP B 131 0.43 -3.80 5.81
N VAL B 132 1.20 -4.11 6.85
CA VAL B 132 2.63 -3.90 6.80
C VAL B 132 3.25 -4.98 5.92
N THR B 133 4.28 -4.59 5.18
CA THR B 133 5.03 -5.57 4.42
C THR B 133 6.43 -5.65 4.97
N ILE B 134 6.86 -6.87 5.25
CA ILE B 134 8.18 -7.10 5.82
C ILE B 134 9.09 -7.82 4.81
N MET B 135 10.18 -7.14 4.45
CA MET B 135 11.11 -7.64 3.43
C MET B 135 12.09 -8.66 4.02
N PRO B 136 12.76 -9.45 3.16
CA PRO B 136 13.64 -10.52 3.67
C PRO B 136 14.81 -10.03 4.49
N GLY B 137 15.19 -10.82 5.49
CA GLY B 137 16.39 -10.57 6.27
C GLY B 137 16.29 -9.53 7.37
N VAL B 138 15.12 -8.93 7.50
CA VAL B 138 14.90 -7.85 8.44
C VAL B 138 14.84 -8.31 9.89
N LYS B 139 15.48 -7.56 10.78
CA LYS B 139 15.39 -7.84 12.21
C LYS B 139 14.63 -6.72 12.90
N ILE B 140 13.65 -7.08 13.71
CA ILE B 140 12.85 -6.10 14.41
C ILE B 140 12.92 -6.34 15.91
N GLY B 141 13.36 -5.31 16.65
CA GLY B 141 13.65 -5.46 18.06
C GLY B 141 12.44 -5.51 18.97
N ASP B 142 12.67 -5.96 20.20
CA ASP B 142 11.65 -6.00 21.24
C ASP B 142 10.92 -4.68 21.40
N GLY B 143 9.62 -4.78 21.60
CA GLY B 143 8.80 -3.61 21.93
C GLY B 143 8.72 -2.56 20.85
N ALA B 144 9.02 -2.96 19.61
CA ALA B 144 8.86 -2.04 18.51
C ALA B 144 7.40 -1.84 18.11
N ILE B 145 7.16 -0.76 17.38
CA ILE B 145 5.85 -0.49 16.81
C ILE B 145 6.03 -0.13 15.35
N ILE B 146 5.41 -0.91 14.47
CA ILE B 146 5.46 -0.62 13.04
C ILE B 146 4.12 -0.08 12.59
N ALA B 147 4.14 1.13 12.05
CA ALA B 147 2.94 1.78 11.58
C ALA B 147 2.32 1.04 10.42
N ALA B 148 1.00 1.15 10.35
CA ALA B 148 0.22 0.58 9.26
C ALA B 148 0.75 0.97 7.89
N GLU B 149 0.80 -0.02 7.03
CA GLU B 149 1.19 0.13 5.62
C GLU B 149 2.66 0.42 5.46
N ALA B 150 3.43 0.14 6.49
CA ALA B 150 4.87 0.34 6.36
C ALA B 150 5.42 -0.76 5.49
N VAL B 151 6.53 -0.47 4.85
CA VAL B 151 7.29 -1.51 4.20
C VAL B 151 8.59 -1.58 4.95
N VAL B 152 8.77 -2.65 5.72
CA VAL B 152 9.96 -2.74 6.54
C VAL B 152 11.12 -3.19 5.70
N THR B 153 11.94 -2.22 5.33
CA THR B 153 13.01 -2.44 4.38
C THR B 153 14.37 -2.54 5.05
N LYS B 154 14.43 -2.23 6.33
CA LYS B 154 15.69 -2.32 7.06
C LYS B 154 15.39 -2.68 8.52
N ASN B 155 16.43 -2.79 9.34
CA ASN B 155 16.25 -3.19 10.72
C ASN B 155 15.53 -2.16 11.56
N VAL B 156 14.85 -2.63 12.59
CA VAL B 156 14.11 -1.75 13.48
C VAL B 156 14.63 -1.92 14.90
N ALA B 157 15.09 -0.82 15.48
CA ALA B 157 15.60 -0.84 16.85
C ALA B 157 14.51 -1.21 17.85
N PRO B 158 14.92 -1.82 18.96
CA PRO B 158 13.99 -2.15 20.04
C PRO B 158 13.36 -0.90 20.58
N TYR B 159 12.07 -1.00 20.87
CA TYR B 159 11.34 0.10 21.49
C TYR B 159 11.36 1.37 20.65
N SER B 160 11.40 1.20 19.33
CA SER B 160 11.27 2.33 18.43
C SER B 160 9.99 2.29 17.62
N ILE B 161 9.57 3.45 17.14
CA ILE B 161 8.42 3.54 16.26
C ILE B 161 8.88 3.91 14.87
N VAL B 162 8.43 3.15 13.88
CA VAL B 162 8.85 3.38 12.49
C VAL B 162 7.67 3.28 11.53
N GLY B 163 7.90 3.71 10.29
CA GLY B 163 6.86 3.62 9.28
C GLY B 163 7.23 4.20 7.93
N GLY B 164 6.37 3.95 6.94
CA GLY B 164 6.50 4.54 5.62
C GLY B 164 6.99 3.57 4.57
N ASN B 165 7.08 4.05 3.33
CA ASN B 165 7.71 3.27 2.28
C ASN B 165 8.59 4.13 1.41
N PRO B 166 9.91 3.96 1.54
CA PRO B 166 10.54 3.00 2.45
C PRO B 166 10.55 3.49 3.89
N LEU B 167 11.08 2.64 4.77
CA LEU B 167 10.97 2.86 6.21
C LEU B 167 11.76 4.06 6.71
N LYS B 168 11.08 4.95 7.43
CA LYS B 168 11.74 6.05 8.13
C LYS B 168 11.59 5.80 9.60
N PHE B 169 12.63 6.10 10.36
CA PHE B 169 12.56 6.10 11.80
C PHE B 169 11.69 7.27 12.24
N ILE B 170 10.79 7.03 13.19
CA ILE B 170 9.96 8.13 13.67
C ILE B 170 10.41 8.65 15.03
N ARG B 171 10.47 7.76 16.02
CA ARG B 171 10.93 8.15 17.36
C ARG B 171 11.15 6.96 18.28
N LYS B 172 11.87 7.22 19.35
CA LYS B 172 12.06 6.24 20.40
C LYS B 172 10.86 6.31 21.33
N ARG B 173 10.39 5.16 21.81
CA ARG B 173 9.20 5.15 22.66
C ARG B 173 9.48 5.74 24.02
N PHE B 174 10.67 5.46 24.54
CA PHE B 174 11.04 5.93 25.86
C PHE B 174 12.46 6.47 25.84
N SER B 175 12.92 6.96 26.98
CA SER B 175 14.32 7.31 27.13
C SER B 175 15.16 6.06 27.04
N ASP B 176 16.43 6.23 26.74
CA ASP B 176 17.33 5.09 26.60
C ASP B 176 17.48 4.33 27.91
N GLY B 177 17.40 5.04 29.02
CA GLY B 177 17.51 4.39 30.32
C GLY B 177 16.34 3.46 30.57
N VAL B 178 15.16 3.91 30.20
CA VAL B 178 13.95 3.13 30.42
C VAL B 178 13.94 1.94 29.48
N ILE B 179 14.36 2.16 28.24
CA ILE B 179 14.44 1.08 27.27
C ILE B 179 15.38 0.00 27.76
N GLU B 180 16.54 0.42 28.25
CA GLU B 180 17.51 -0.52 28.80
C GLU B 180 16.87 -1.36 29.90
N GLU B 181 16.01 -0.74 30.69
CA GLU B 181 15.40 -1.46 31.78
C GLU B 181 14.34 -2.44 31.31
N TRP B 182 13.57 -2.09 30.28
CA TRP B 182 12.63 -3.04 29.73
C TRP B 182 13.36 -4.24 29.21
N LEU B 183 14.48 -3.98 28.53
CA LEU B 183 15.31 -5.04 27.97
C LEU B 183 16.00 -5.89 29.02
N ALA B 184 16.31 -5.32 30.18
CA ALA B 184 16.90 -6.14 31.24
C ALA B 184 15.81 -6.88 31.99
N LEU B 185 14.59 -6.39 31.89
CA LEU B 185 13.47 -7.04 32.53
C LEU B 185 13.05 -8.30 31.79
N GLN B 186 12.83 -8.20 30.49
CA GLN B 186 12.42 -9.31 29.65
C GLN B 186 11.18 -10.03 30.11
N TRP B 187 10.16 -9.28 30.46
CA TRP B 187 9.03 -9.88 31.18
C TRP B 187 8.46 -11.07 30.44
N TRP B 188 8.55 -11.03 29.11
CA TRP B 188 7.98 -12.05 28.26
C TRP B 188 8.67 -13.40 28.42
N ASN B 189 9.83 -13.39 29.06
CA ASN B 189 10.54 -14.63 29.36
C ASN B 189 10.33 -15.08 30.79
N LEU B 190 9.55 -14.34 31.54
CA LEU B 190 9.27 -14.77 32.89
C LEU B 190 8.16 -15.76 32.89
N ASP B 191 8.09 -16.48 33.98
CA ASP B 191 7.02 -17.41 34.25
C ASP B 191 5.68 -16.73 34.20
N MET B 192 4.65 -17.44 33.79
CA MET B 192 3.35 -16.83 33.66
C MET B 192 2.82 -16.36 34.98
N LYS B 193 3.17 -17.06 36.04
CA LYS B 193 2.83 -16.65 37.39
C LYS B 193 3.45 -15.29 37.72
N ILE B 194 4.70 -15.12 37.33
CA ILE B 194 5.40 -13.87 37.58
C ILE B 194 4.83 -12.76 36.71
N ILE B 195 4.52 -13.11 35.46
CA ILE B 195 3.99 -12.13 34.53
C ILE B 195 2.65 -11.59 35.01
N ASN B 196 1.81 -12.50 35.48
CA ASN B 196 0.50 -12.12 36.02
C ASN B 196 0.61 -11.17 37.19
N GLU B 197 1.58 -11.44 38.05
CA GLU B 197 1.82 -10.64 39.24
C GLU B 197 2.22 -9.24 38.86
N ASN B 198 2.97 -9.14 37.77
CA ASN B 198 3.50 -7.88 37.31
C ASN B 198 2.68 -7.21 36.22
N LEU B 199 1.65 -7.88 35.75
CA LEU B 199 0.81 -7.32 34.69
C LEU B 199 0.31 -5.90 34.86
N PRO B 200 -0.10 -5.51 36.07
CA PRO B 200 -0.58 -4.11 36.17
C PRO B 200 0.50 -3.13 35.77
N PHE B 201 1.75 -3.50 36.03
CA PHE B 201 2.84 -2.55 35.78
C PHE B 201 3.40 -2.68 34.38
N ILE B 202 3.39 -3.90 33.85
CA ILE B 202 3.75 -4.11 32.46
C ILE B 202 2.78 -3.33 31.60
N ILE B 203 1.51 -3.33 32.00
CA ILE B 203 0.50 -2.62 31.24
C ILE B 203 0.50 -1.11 31.44
N ASN B 204 0.70 -0.62 32.65
CA ASN B 204 0.69 0.83 32.84
C ASN B 204 2.05 1.49 32.71
N GLY B 205 3.08 0.69 32.43
CA GLY B 205 4.41 1.23 32.19
C GLY B 205 5.14 1.70 33.43
N ASP B 206 4.73 1.20 34.59
CA ASP B 206 5.40 1.54 35.84
C ASP B 206 6.68 0.73 35.89
N ILE B 207 7.67 1.22 35.16
CA ILE B 207 8.91 0.49 34.92
C ILE B 207 9.78 0.53 36.16
N GLU B 208 9.66 1.62 36.93
CA GLU B 208 10.36 1.75 38.21
C GLU B 208 9.92 0.68 39.18
N MET B 209 8.63 0.45 39.25
CA MET B 209 8.10 -0.66 40.06
C MET B 209 8.60 -2.01 39.55
N LEU B 210 8.52 -2.21 38.24
CA LEU B 210 8.99 -3.48 37.64
C LEU B 210 10.44 -3.71 37.97
N LYS B 211 11.23 -2.65 37.92
CA LYS B 211 12.64 -2.73 38.27
C LYS B 211 12.84 -3.12 39.73
N ARG B 212 12.02 -2.58 40.63
CA ARG B 212 12.18 -2.93 42.05
C ARG B 212 11.81 -4.38 42.30
N LYS B 213 10.75 -4.85 41.66
CA LYS B 213 10.32 -6.23 41.81
C LYS B 213 11.37 -7.17 41.24
N ARG B 214 12.01 -6.74 40.16
CA ARG B 214 13.10 -7.52 39.60
C ARG B 214 14.28 -7.54 40.53
N LYS B 215 14.71 -6.40 41.04
CA LYS B 215 15.85 -6.44 41.92
C LYS B 215 15.52 -7.29 43.14
N LEU B 216 14.28 -7.21 43.59
CA LEU B 216 13.90 -7.96 44.78
C LEU B 216 14.12 -9.44 44.58
N LEU B 217 13.84 -9.92 43.38
CA LEU B 217 13.94 -11.34 43.11
C LEU B 217 15.34 -11.80 42.76
N ASP B 218 16.26 -10.86 42.66
CA ASP B 218 17.60 -11.15 42.17
C ASP B 218 18.31 -12.33 42.85
N ASP B 219 18.42 -12.30 44.18
CA ASP B 219 19.15 -13.33 44.92
C ASP B 219 20.53 -13.66 44.34
N THR B 220 21.32 -12.62 44.13
CA THR B 220 22.58 -12.76 43.42
C THR B 220 23.62 -11.79 43.97
N HIS C 8 15.04 -24.53 -28.28
CA HIS C 8 14.83 -24.53 -26.84
C HIS C 8 13.98 -23.34 -26.44
N GLY C 9 13.26 -23.48 -25.34
CA GLY C 9 12.42 -22.40 -24.84
C GLY C 9 10.95 -22.67 -24.99
N PRO C 10 10.15 -22.03 -24.14
CA PRO C 10 8.70 -22.13 -24.12
C PRO C 10 8.12 -21.43 -25.33
N ASP C 11 6.90 -21.82 -25.68
CA ASP C 11 6.20 -21.18 -26.76
C ASP C 11 5.61 -19.89 -26.21
N PRO C 12 5.98 -18.75 -26.79
CA PRO C 12 5.49 -17.47 -26.28
C PRO C 12 4.00 -17.26 -26.50
N GLU C 13 3.36 -18.15 -27.23
CA GLU C 13 1.92 -18.03 -27.46
C GLU C 13 1.18 -18.87 -26.45
N ASN C 14 1.93 -19.57 -25.61
CA ASN C 14 1.36 -20.38 -24.53
C ASN C 14 0.94 -19.51 -23.36
N ILE C 15 -0.37 -19.42 -23.12
CA ILE C 15 -0.90 -18.61 -22.03
C ILE C 15 -0.35 -19.08 -20.69
N LEU C 16 -0.26 -20.40 -20.53
CA LEU C 16 0.31 -20.97 -19.31
C LEU C 16 1.51 -21.85 -19.62
N PRO C 17 2.69 -21.23 -19.65
CA PRO C 17 3.93 -21.87 -20.09
C PRO C 17 4.58 -22.80 -19.07
N ILE C 18 4.23 -22.70 -17.80
CA ILE C 18 4.81 -23.62 -16.84
C ILE C 18 3.80 -24.68 -16.49
N LYS C 19 4.21 -25.93 -16.57
CA LYS C 19 3.30 -27.03 -16.30
C LYS C 19 2.93 -27.04 -14.83
N GLY C 20 1.63 -27.20 -14.57
CA GLY C 20 1.13 -27.26 -13.21
C GLY C 20 0.92 -25.91 -12.55
N ASN C 21 1.22 -24.84 -13.30
CA ASN C 21 1.10 -23.48 -12.78
C ASN C 21 -0.01 -22.75 -13.48
N ARG C 22 -1.06 -22.44 -12.73
CA ARG C 22 -2.22 -21.78 -13.30
C ARG C 22 -2.21 -20.30 -12.98
N ASN C 23 -1.13 -19.82 -12.37
CA ASN C 23 -1.05 -18.41 -12.00
C ASN C 23 -0.20 -17.59 -12.94
N LEU C 24 0.91 -18.16 -13.36
CA LEU C 24 1.85 -17.41 -14.18
C LEU C 24 1.48 -17.50 -15.65
N GLN C 25 1.30 -16.34 -16.25
CA GLN C 25 0.84 -16.27 -17.63
C GLN C 25 1.77 -15.47 -18.52
N PHE C 26 2.02 -15.96 -19.73
CA PHE C 26 2.58 -15.09 -20.75
C PHE C 26 1.51 -14.07 -21.12
N ILE C 27 1.88 -12.80 -21.12
CA ILE C 27 0.90 -11.73 -21.25
C ILE C 27 0.30 -11.56 -22.64
N LYS C 28 1.17 -11.50 -23.66
CA LYS C 28 0.74 -11.22 -25.03
C LYS C 28 -0.38 -12.11 -25.56
N PRO C 29 -0.26 -13.42 -25.40
CA PRO C 29 -1.39 -14.24 -25.84
C PRO C 29 -2.64 -14.07 -25.00
N THR C 30 -2.61 -13.24 -23.96
CA THR C 30 -3.84 -13.00 -23.22
C THR C 30 -4.48 -11.68 -23.60
N ILE C 31 -3.77 -10.84 -24.34
CA ILE C 31 -4.30 -9.52 -24.63
C ILE C 31 -5.53 -9.61 -25.50
N THR C 32 -6.52 -8.82 -25.13
CA THR C 32 -7.83 -8.85 -25.76
C THR C 32 -8.22 -7.41 -26.08
N ASN C 33 -7.71 -6.47 -25.32
CA ASN C 33 -8.16 -5.10 -25.48
C ASN C 33 -7.31 -4.30 -26.44
N GLU C 34 -7.85 -3.16 -26.87
CA GLU C 34 -7.10 -2.26 -27.73
C GLU C 34 -6.14 -1.42 -26.89
N ASN C 35 -5.07 -0.98 -27.55
CA ASN C 35 -4.09 -0.07 -26.93
C ASN C 35 -3.25 -0.66 -25.82
N ILE C 36 -3.20 -1.99 -25.75
CA ILE C 36 -2.23 -2.67 -24.90
C ILE C 36 -1.28 -3.49 -25.76
N LEU C 37 -0.01 -3.08 -25.79
CA LEU C 37 0.98 -3.73 -26.65
C LEU C 37 2.14 -4.27 -25.81
N VAL C 38 2.24 -5.60 -25.74
CA VAL C 38 3.22 -6.25 -24.88
C VAL C 38 4.06 -7.24 -25.64
N GLY C 39 5.37 -7.16 -25.45
CA GLY C 39 6.30 -8.06 -26.13
C GLY C 39 6.35 -9.48 -25.61
N GLU C 40 7.01 -10.33 -26.39
CA GLU C 40 7.08 -11.76 -26.11
C GLU C 40 7.82 -12.10 -24.82
N TYR C 41 7.46 -13.25 -24.25
CA TYR C 41 8.10 -13.79 -23.07
C TYR C 41 7.90 -12.97 -21.80
N SER C 42 7.31 -11.77 -21.93
CA SER C 42 6.94 -11.01 -20.74
C SER C 42 5.79 -11.72 -20.04
N TYR C 43 5.88 -11.83 -18.72
CA TYR C 43 4.85 -12.57 -18.00
C TYR C 43 4.20 -11.80 -16.86
N TYR C 44 3.01 -12.23 -16.50
CA TYR C 44 2.33 -11.72 -15.32
C TYR C 44 2.14 -12.87 -14.40
N ASP C 45 2.75 -12.78 -13.23
CA ASP C 45 2.61 -13.83 -12.23
C ASP C 45 1.43 -13.50 -11.34
N SER C 46 0.24 -13.94 -11.74
CA SER C 46 -0.98 -13.51 -11.05
C SER C 46 -1.13 -14.08 -9.65
N LYS C 47 -1.94 -13.43 -8.84
CA LYS C 47 -2.18 -13.91 -7.49
C LYS C 47 -3.07 -15.13 -7.49
N ARG C 48 -4.16 -15.05 -8.24
CA ARG C 48 -5.12 -16.15 -8.23
C ARG C 48 -5.68 -16.43 -9.62
N GLY C 49 -4.91 -16.08 -10.64
CA GLY C 49 -5.29 -16.40 -12.00
C GLY C 49 -5.95 -15.27 -12.74
N GLU C 50 -6.10 -14.11 -12.11
CA GLU C 50 -6.67 -12.96 -12.80
C GLU C 50 -5.82 -12.59 -14.00
N SER C 51 -6.44 -11.98 -15.00
CA SER C 51 -5.70 -11.70 -16.21
C SER C 51 -5.02 -10.36 -16.14
N PHE C 52 -3.92 -10.25 -16.87
CA PHE C 52 -3.11 -9.03 -16.87
C PHE C 52 -3.91 -7.77 -17.22
N GLU C 53 -4.80 -7.89 -18.20
CA GLU C 53 -5.61 -6.78 -18.67
C GLU C 53 -6.39 -6.10 -17.58
N ASP C 54 -6.91 -6.90 -16.68
CA ASP C 54 -7.70 -6.33 -15.61
C ASP C 54 -6.85 -5.63 -14.56
N GLN C 55 -5.54 -5.59 -14.75
CA GLN C 55 -4.70 -4.77 -13.87
C GLN C 55 -4.51 -3.40 -14.48
N VAL C 56 -5.07 -3.19 -15.67
CA VAL C 56 -4.93 -1.91 -16.34
C VAL C 56 -6.17 -1.07 -16.08
N LEU C 57 -5.98 0.09 -15.49
CA LEU C 57 -7.12 0.83 -14.94
C LEU C 57 -7.34 2.17 -15.61
N TYR C 58 -8.59 2.60 -15.59
CA TYR C 58 -8.97 3.90 -16.12
C TYR C 58 -8.50 4.07 -17.55
N HIS C 59 -8.60 3.00 -18.34
CA HIS C 59 -8.07 2.99 -19.69
C HIS C 59 -9.19 3.13 -20.68
N TYR C 60 -9.30 4.30 -21.28
CA TYR C 60 -10.45 4.55 -22.12
C TYR C 60 -10.02 4.93 -23.52
N GLU C 61 -10.73 4.36 -24.49
CA GLU C 61 -10.34 4.50 -25.89
C GLU C 61 -10.41 5.94 -26.34
N VAL C 62 -11.41 6.66 -25.86
CA VAL C 62 -11.60 8.04 -26.26
C VAL C 62 -10.43 8.92 -25.83
N ILE C 63 -9.68 8.47 -24.82
CA ILE C 63 -8.47 9.18 -24.45
C ILE C 63 -7.32 8.75 -25.34
N GLY C 64 -7.36 7.47 -25.73
CA GLY C 64 -6.40 6.95 -26.68
C GLY C 64 -5.00 6.73 -26.15
N ASP C 65 -4.81 6.73 -24.85
CA ASP C 65 -3.49 6.42 -24.33
C ASP C 65 -3.19 4.93 -24.39
N LYS C 66 -1.90 4.61 -24.50
CA LYS C 66 -1.46 3.23 -24.70
C LYS C 66 -0.59 2.75 -23.57
N LEU C 67 -0.68 1.45 -23.31
CA LEU C 67 0.26 0.77 -22.44
C LEU C 67 1.14 -0.10 -23.30
N ILE C 68 2.44 0.14 -23.21
CA ILE C 68 3.41 -0.53 -24.05
C ILE C 68 4.47 -1.20 -23.21
N ILE C 69 4.68 -2.49 -23.46
CA ILE C 69 5.62 -3.27 -22.70
C ILE C 69 6.47 -4.14 -23.62
N GLY C 70 7.78 -4.06 -23.44
CA GLY C 70 8.71 -4.83 -24.26
C GLY C 70 8.78 -6.29 -23.89
N ARG C 71 9.92 -6.90 -24.18
CA ARG C 71 10.07 -8.35 -24.04
C ARG C 71 10.84 -8.72 -22.79
N PHE C 72 10.63 -9.95 -22.35
CA PHE C 72 11.32 -10.53 -21.21
C PHE C 72 11.18 -9.72 -19.91
N CYS C 73 10.03 -9.09 -19.73
CA CYS C 73 9.72 -8.40 -18.50
C CYS C 73 9.05 -9.31 -17.48
N SER C 74 9.40 -9.11 -16.22
CA SER C 74 8.79 -9.85 -15.11
C SER C 74 7.86 -8.93 -14.36
N ILE C 75 6.56 -9.20 -14.44
CA ILE C 75 5.57 -8.36 -13.79
C ILE C 75 4.96 -9.09 -12.61
N GLY C 76 5.30 -8.64 -11.41
CA GLY C 76 4.88 -9.33 -10.19
C GLY C 76 3.40 -9.18 -9.91
N PRO C 77 2.84 -10.11 -9.12
CA PRO C 77 1.43 -10.16 -8.77
C PRO C 77 0.92 -8.88 -8.16
N GLY C 78 -0.22 -8.42 -8.67
CA GLY C 78 -0.87 -7.25 -8.10
C GLY C 78 -0.33 -5.95 -8.66
N THR C 79 0.56 -6.04 -9.64
CA THR C 79 1.02 -4.83 -10.29
C THR C 79 -0.14 -4.16 -11.01
N THR C 80 -0.24 -2.86 -10.83
CA THR C 80 -1.37 -2.12 -11.35
C THR C 80 -0.88 -0.96 -12.21
N PHE C 81 -1.62 -0.68 -13.28
CA PHE C 81 -1.24 0.38 -14.19
C PHE C 81 -2.36 1.38 -14.26
N ILE C 82 -2.10 2.59 -13.80
CA ILE C 82 -3.14 3.61 -13.80
C ILE C 82 -2.99 4.50 -15.01
N MET C 83 -3.99 4.47 -15.88
CA MET C 83 -3.93 5.26 -17.11
C MET C 83 -4.58 6.63 -16.91
N ASN C 84 -4.70 7.38 -18.00
CA ASN C 84 -5.05 8.79 -17.91
C ASN C 84 -6.50 9.10 -17.57
N GLY C 85 -7.37 8.10 -17.68
CA GLY C 85 -8.76 8.30 -17.30
C GLY C 85 -8.94 8.59 -15.82
N ALA C 86 -7.86 8.44 -15.05
CA ALA C 86 -7.92 8.66 -13.62
C ALA C 86 -7.89 10.14 -13.26
N ASN C 87 -7.34 10.96 -14.14
CA ASN C 87 -7.15 12.37 -13.83
C ASN C 87 -8.41 13.22 -13.98
N HIS C 88 -8.74 14.00 -12.97
CA HIS C 88 -9.85 14.94 -13.03
C HIS C 88 -9.37 16.28 -13.59
N ARG C 89 -10.30 17.12 -14.02
CA ARG C 89 -9.94 18.49 -14.37
C ARG C 89 -9.52 19.26 -13.14
N MET C 90 -8.47 20.07 -13.29
CA MET C 90 -7.85 20.71 -12.12
C MET C 90 -7.79 22.23 -12.19
N ASP C 91 -8.55 22.83 -13.09
CA ASP C 91 -8.59 24.28 -13.21
C ASP C 91 -9.38 24.88 -12.07
N GLY C 92 -10.51 24.27 -11.76
CA GLY C 92 -11.32 24.67 -10.61
C GLY C 92 -11.68 23.44 -9.81
N SER C 93 -12.97 23.17 -9.68
CA SER C 93 -13.41 21.97 -8.98
C SER C 93 -12.98 20.71 -9.71
N THR C 94 -12.60 19.71 -8.92
CA THR C 94 -12.19 18.43 -9.48
C THR C 94 -13.39 17.52 -9.57
N TYR C 95 -14.54 18.00 -9.16
CA TYR C 95 -15.72 17.15 -9.14
C TYR C 95 -16.28 16.98 -10.55
N PRO C 96 -16.47 15.73 -10.96
CA PRO C 96 -16.85 15.43 -12.35
C PRO C 96 -18.35 15.52 -12.59
N PHE C 97 -18.86 16.75 -12.55
CA PHE C 97 -20.29 17.02 -12.67
C PHE C 97 -20.97 16.33 -13.84
N HIS C 98 -20.32 16.36 -14.99
CA HIS C 98 -20.92 15.85 -16.22
C HIS C 98 -21.34 14.39 -16.18
N LEU C 99 -20.67 13.59 -15.34
CA LEU C 99 -20.94 12.16 -15.26
C LEU C 99 -22.36 11.89 -14.80
N PHE C 100 -22.91 12.85 -14.07
CA PHE C 100 -24.17 12.63 -13.38
C PHE C 100 -25.34 13.13 -14.19
N ARG C 101 -25.02 13.72 -15.33
CA ARG C 101 -26.00 14.20 -16.29
C ARG C 101 -27.11 15.04 -15.68
N MET C 102 -28.34 14.76 -16.09
CA MET C 102 -29.50 15.50 -15.59
C MET C 102 -29.35 16.97 -15.85
N GLY C 103 -28.69 17.32 -16.96
CA GLY C 103 -28.41 18.70 -17.29
C GLY C 103 -26.93 19.02 -17.19
N TRP C 104 -26.19 18.21 -16.45
CA TRP C 104 -24.78 18.50 -16.19
C TRP C 104 -23.86 17.96 -17.28
N GLU C 105 -24.41 17.17 -18.18
CA GLU C 105 -23.62 16.55 -19.24
C GLU C 105 -22.98 17.59 -20.15
N LYS C 106 -23.52 18.80 -20.16
CA LYS C 106 -22.96 19.85 -21.01
C LYS C 106 -21.65 20.42 -20.47
N TYR C 107 -21.27 20.01 -19.27
CA TYR C 107 -20.01 20.47 -18.70
C TYR C 107 -18.91 19.45 -18.96
N MET C 108 -19.14 18.57 -19.92
CA MET C 108 -18.13 17.61 -20.35
C MET C 108 -16.87 18.31 -20.80
N PRO C 109 -15.74 17.90 -20.25
CA PRO C 109 -14.46 18.53 -20.59
C PRO C 109 -13.95 18.06 -21.93
N SER C 110 -13.25 18.94 -22.62
CA SER C 110 -12.58 18.52 -23.83
C SER C 110 -11.30 17.86 -23.37
N LEU C 111 -10.66 17.15 -24.28
CA LEU C 111 -9.41 16.48 -23.95
C LEU C 111 -8.35 17.46 -23.52
N LYS C 112 -8.37 18.66 -24.07
CA LYS C 112 -7.33 19.60 -23.67
C LYS C 112 -7.58 20.19 -22.29
N ASP C 113 -8.81 20.11 -21.79
CA ASP C 113 -9.08 20.55 -20.43
C ASP C 113 -8.39 19.64 -19.42
N LEU C 114 -8.17 18.39 -19.80
CA LEU C 114 -7.64 17.40 -18.87
C LEU C 114 -6.14 17.40 -18.89
N PRO C 115 -5.52 17.09 -17.75
CA PRO C 115 -4.08 16.95 -17.60
C PRO C 115 -3.62 15.55 -18.01
N LEU C 116 -3.71 15.26 -19.30
CA LEU C 116 -3.29 13.97 -19.80
C LEU C 116 -1.77 13.92 -19.87
N LYS C 117 -1.20 12.73 -19.71
CA LYS C 117 0.25 12.61 -19.57
C LYS C 117 0.92 11.63 -20.51
N GLY C 118 0.16 11.12 -21.48
CA GLY C 118 0.76 10.25 -22.49
C GLY C 118 0.76 8.76 -22.17
N ASP C 119 1.45 8.00 -23.00
CA ASP C 119 1.52 6.55 -22.86
C ASP C 119 2.42 6.12 -21.70
N ILE C 120 2.14 4.93 -21.18
CA ILE C 120 3.03 4.32 -20.21
C ILE C 120 3.86 3.30 -20.98
N GLU C 121 5.18 3.47 -20.93
CA GLU C 121 6.07 2.67 -21.76
C GLU C 121 7.09 1.99 -20.89
N ILE C 122 7.04 0.67 -20.92
CA ILE C 122 8.01 -0.13 -20.17
C ILE C 122 8.85 -0.87 -21.18
N GLY C 123 10.15 -0.88 -20.95
CA GLY C 123 11.06 -1.42 -21.94
C GLY C 123 11.24 -2.90 -21.86
N ASN C 124 12.46 -3.34 -22.12
CA ASN C 124 12.75 -4.76 -22.14
C ASN C 124 13.52 -5.20 -20.90
N ASP C 125 13.28 -6.44 -20.49
CA ASP C 125 13.99 -7.05 -19.37
C ASP C 125 13.82 -6.27 -18.08
N VAL C 126 12.61 -5.75 -17.86
CA VAL C 126 12.33 -5.04 -16.64
C VAL C 126 11.72 -5.99 -15.61
N TRP C 127 12.23 -5.92 -14.38
CA TRP C 127 11.68 -6.70 -13.28
C TRP C 127 10.77 -5.79 -12.47
N ILE C 128 9.49 -6.11 -12.43
CA ILE C 128 8.57 -5.30 -11.65
C ILE C 128 8.02 -6.07 -10.47
N GLY C 129 8.24 -5.50 -9.29
CA GLY C 129 7.90 -6.12 -8.04
C GLY C 129 6.43 -6.26 -7.76
N ARG C 130 6.14 -7.17 -6.84
CA ARG C 130 4.80 -7.38 -6.32
C ARG C 130 4.10 -6.10 -5.86
N ASP C 131 2.88 -5.91 -6.33
CA ASP C 131 2.00 -4.82 -5.87
C ASP C 131 2.53 -3.43 -6.19
N VAL C 132 3.30 -3.31 -7.25
CA VAL C 132 3.70 -2.00 -7.72
C VAL C 132 2.52 -1.28 -8.37
N THR C 133 2.41 0.02 -8.12
CA THR C 133 1.42 0.80 -8.84
C THR C 133 2.13 1.76 -9.80
N ILE C 134 1.67 1.79 -11.05
CA ILE C 134 2.30 2.63 -12.05
C ILE C 134 1.39 3.76 -12.52
N MET C 135 1.86 5.00 -12.36
CA MET C 135 1.10 6.20 -12.69
C MET C 135 1.09 6.52 -14.18
N PRO C 136 0.14 7.34 -14.63
CA PRO C 136 0.01 7.64 -16.06
C PRO C 136 1.23 8.33 -16.62
N GLY C 137 1.60 7.96 -17.84
CA GLY C 137 2.63 8.67 -18.60
C GLY C 137 4.05 8.29 -18.25
N VAL C 138 4.19 7.32 -17.36
CA VAL C 138 5.49 6.87 -16.88
C VAL C 138 6.31 6.11 -17.93
N LYS C 139 7.60 6.40 -18.02
CA LYS C 139 8.50 5.66 -18.91
C LYS C 139 9.54 4.87 -18.14
N ILE C 140 9.57 3.56 -18.32
CA ILE C 140 10.53 2.75 -17.59
C ILE C 140 11.52 2.08 -18.50
N GLY C 141 12.80 2.38 -18.28
CA GLY C 141 13.86 1.92 -19.16
C GLY C 141 14.14 0.45 -19.09
N ASP C 142 14.90 -0.03 -20.07
CA ASP C 142 15.25 -1.44 -20.16
C ASP C 142 16.09 -1.84 -18.97
N GLY C 143 15.87 -3.06 -18.49
CA GLY C 143 16.70 -3.63 -17.46
C GLY C 143 16.53 -3.05 -16.08
N ALA C 144 15.57 -2.15 -15.92
CA ALA C 144 15.32 -1.57 -14.61
C ALA C 144 14.70 -2.54 -13.63
N ILE C 145 14.79 -2.22 -12.34
CA ILE C 145 14.18 -3.03 -11.29
C ILE C 145 13.33 -2.18 -10.37
N ILE C 146 12.04 -2.49 -10.31
CA ILE C 146 11.10 -1.76 -9.47
C ILE C 146 10.74 -2.59 -8.25
N ALA C 147 11.08 -2.07 -7.08
CA ALA C 147 10.85 -2.83 -5.85
C ALA C 147 9.37 -2.98 -5.58
N ALA C 148 9.03 -4.12 -4.99
CA ALA C 148 7.69 -4.39 -4.51
C ALA C 148 7.10 -3.20 -3.77
N GLU C 149 5.80 -2.99 -3.96
CA GLU C 149 5.04 -1.92 -3.30
C GLU C 149 5.37 -0.50 -3.77
N ALA C 150 6.21 -0.35 -4.79
CA ALA C 150 6.56 0.99 -5.23
C ALA C 150 5.39 1.65 -5.94
N VAL C 151 5.32 2.97 -5.80
CA VAL C 151 4.38 3.74 -6.57
C VAL C 151 5.16 4.56 -7.55
N VAL C 152 5.10 4.16 -8.82
CA VAL C 152 5.98 4.74 -9.83
C VAL C 152 5.42 6.05 -10.35
N THR C 153 5.93 7.13 -9.77
CA THR C 153 5.34 8.45 -9.99
C THR C 153 6.14 9.24 -10.99
N LYS C 154 7.24 8.66 -11.45
CA LYS C 154 8.12 9.34 -12.39
C LYS C 154 8.90 8.32 -13.19
N ASN C 155 9.59 8.81 -14.21
CA ASN C 155 10.31 7.94 -15.13
C ASN C 155 11.47 7.24 -14.47
N VAL C 156 11.75 6.04 -14.96
CA VAL C 156 12.84 5.25 -14.41
C VAL C 156 13.88 4.95 -15.47
N ALA C 157 15.14 5.25 -15.14
CA ALA C 157 16.24 5.13 -16.07
C ALA C 157 16.54 3.67 -16.34
N PRO C 158 17.07 3.37 -17.53
CA PRO C 158 17.53 2.02 -17.88
C PRO C 158 18.51 1.50 -16.86
N TYR C 159 18.31 0.25 -16.46
CA TYR C 159 19.21 -0.43 -15.55
C TYR C 159 19.39 0.29 -14.21
N SER C 160 18.33 0.92 -13.73
CA SER C 160 18.36 1.47 -12.38
C SER C 160 17.43 0.73 -11.46
N ILE C 161 17.68 0.85 -10.16
CA ILE C 161 16.83 0.23 -9.15
C ILE C 161 16.09 1.33 -8.40
N VAL C 162 14.77 1.17 -8.28
CA VAL C 162 13.98 2.22 -7.66
C VAL C 162 12.96 1.63 -6.72
N GLY C 163 12.34 2.49 -5.91
CA GLY C 163 11.37 2.03 -4.93
C GLY C 163 10.73 3.16 -4.16
N GLY C 164 9.74 2.81 -3.35
CA GLY C 164 9.14 3.77 -2.43
C GLY C 164 7.88 4.44 -2.93
N ASN C 165 7.23 5.14 -2.02
CA ASN C 165 6.05 5.93 -2.33
C ASN C 165 6.15 7.26 -1.62
N PRO C 166 6.44 8.33 -2.38
CA PRO C 166 6.65 8.34 -3.82
C PRO C 166 7.97 7.69 -4.20
N LEU C 167 8.18 7.54 -5.51
CA LEU C 167 9.34 6.82 -5.98
C LEU C 167 10.63 7.56 -5.68
N LYS C 168 11.62 6.80 -5.24
CA LYS C 168 12.94 7.35 -5.00
C LYS C 168 13.96 6.50 -5.71
N PHE C 169 15.04 7.15 -6.16
CA PHE C 169 16.14 6.45 -6.80
C PHE C 169 16.97 5.75 -5.75
N ILE C 170 17.30 4.50 -6.03
CA ILE C 170 18.09 3.72 -5.09
C ILE C 170 19.53 3.59 -5.56
N ARG C 171 19.73 2.95 -6.71
CA ARG C 171 21.05 2.90 -7.33
C ARG C 171 20.96 2.40 -8.76
N LYS C 172 22.02 2.64 -9.53
CA LYS C 172 22.16 2.02 -10.84
C LYS C 172 22.79 0.66 -10.66
N ARG C 173 22.38 -0.29 -11.49
CA ARG C 173 22.85 -1.66 -11.34
C ARG C 173 24.31 -1.81 -11.73
N PHE C 174 24.76 -1.02 -12.71
CA PHE C 174 26.14 -1.10 -13.18
C PHE C 174 26.72 0.27 -13.46
N SER C 175 27.96 0.28 -13.94
CA SER C 175 28.60 1.52 -14.34
C SER C 175 27.99 2.02 -15.64
N ASP C 176 28.16 3.31 -15.92
CA ASP C 176 27.54 3.88 -17.10
C ASP C 176 28.01 3.16 -18.35
N GLY C 177 29.26 2.72 -18.33
CA GLY C 177 29.86 2.08 -19.48
C GLY C 177 29.23 0.75 -19.78
N VAL C 178 29.06 -0.07 -18.76
CA VAL C 178 28.48 -1.40 -18.96
C VAL C 178 27.03 -1.26 -19.40
N ILE C 179 26.34 -0.28 -18.84
CA ILE C 179 24.95 -0.05 -19.22
C ILE C 179 24.89 0.37 -20.67
N GLU C 180 25.74 1.32 -21.06
CA GLU C 180 25.83 1.78 -22.43
C GLU C 180 26.00 0.59 -23.34
N GLU C 181 26.75 -0.40 -22.86
CA GLU C 181 27.01 -1.59 -23.63
C GLU C 181 25.84 -2.58 -23.70
N TRP C 182 25.05 -2.67 -22.63
CA TRP C 182 23.89 -3.55 -22.64
C TRP C 182 22.84 -2.96 -23.53
N LEU C 183 22.73 -1.64 -23.46
CA LEU C 183 21.77 -0.93 -24.27
C LEU C 183 22.13 -1.04 -25.73
N ALA C 184 23.42 -1.11 -26.03
CA ALA C 184 23.86 -1.23 -27.40
C ALA C 184 23.64 -2.66 -27.88
N LEU C 185 23.91 -3.61 -26.99
CA LEU C 185 23.77 -5.02 -27.35
C LEU C 185 22.34 -5.32 -27.74
N GLN C 186 21.40 -4.93 -26.89
CA GLN C 186 19.98 -5.12 -27.14
C GLN C 186 19.66 -6.59 -27.36
N TRP C 187 20.09 -7.43 -26.43
CA TRP C 187 20.02 -8.87 -26.63
C TRP C 187 18.62 -9.38 -26.85
N TRP C 188 17.63 -8.66 -26.31
CA TRP C 188 16.25 -9.09 -26.40
C TRP C 188 15.73 -9.06 -27.83
N ASN C 189 16.42 -8.34 -28.70
CA ASN C 189 15.99 -8.27 -30.09
C ASN C 189 16.77 -9.19 -31.02
N LEU C 190 17.52 -10.13 -30.47
CA LEU C 190 18.22 -11.12 -31.27
C LEU C 190 17.28 -12.26 -31.60
N ASP C 191 17.69 -13.09 -32.54
CA ASP C 191 16.88 -14.25 -32.88
C ASP C 191 17.02 -15.25 -31.76
N MET C 192 15.95 -16.02 -31.51
CA MET C 192 15.95 -16.94 -30.38
C MET C 192 17.02 -18.01 -30.46
N LYS C 193 17.50 -18.29 -31.66
CA LYS C 193 18.55 -19.27 -31.82
C LYS C 193 19.85 -18.69 -31.26
N ILE C 194 20.02 -17.39 -31.49
CA ILE C 194 21.19 -16.68 -31.02
C ILE C 194 21.10 -16.43 -29.51
N ILE C 195 19.88 -16.17 -29.05
CA ILE C 195 19.68 -15.97 -27.63
C ILE C 195 20.00 -17.25 -26.86
N ASN C 196 19.37 -18.34 -27.28
CA ASN C 196 19.63 -19.65 -26.68
C ASN C 196 21.11 -19.98 -26.67
N GLU C 197 21.82 -19.43 -27.63
CA GLU C 197 23.25 -19.69 -27.76
C GLU C 197 23.95 -18.89 -26.69
N ASN C 198 23.41 -17.70 -26.39
CA ASN C 198 24.12 -16.77 -25.52
C ASN C 198 23.57 -16.64 -24.11
N LEU C 199 22.60 -17.48 -23.78
CA LEU C 199 21.98 -17.41 -22.46
C LEU C 199 22.91 -17.45 -21.25
N PRO C 200 23.95 -18.31 -21.27
CA PRO C 200 24.85 -18.31 -20.11
C PRO C 200 25.43 -16.95 -19.78
N PHE C 201 25.62 -16.11 -20.78
CA PHE C 201 26.25 -14.82 -20.54
C PHE C 201 25.23 -13.73 -20.35
N ILE C 202 24.04 -13.91 -20.89
CA ILE C 202 22.96 -12.98 -20.64
C ILE C 202 22.59 -13.06 -19.17
N ILE C 203 22.60 -14.27 -18.64
CA ILE C 203 22.24 -14.53 -17.26
C ILE C 203 23.36 -14.15 -16.31
N ASN C 204 24.61 -14.42 -16.67
CA ASN C 204 25.70 -14.12 -15.75
C ASN C 204 26.27 -12.72 -15.89
N GLY C 205 25.75 -11.99 -16.88
CA GLY C 205 26.19 -10.64 -17.13
C GLY C 205 27.58 -10.50 -17.72
N ASP C 206 28.08 -11.55 -18.36
CA ASP C 206 29.40 -11.48 -19.01
C ASP C 206 29.31 -10.67 -20.27
N ILE C 207 29.34 -9.35 -20.12
CA ILE C 207 29.05 -8.46 -21.22
C ILE C 207 30.25 -8.37 -22.16
N GLU C 208 31.44 -8.59 -21.62
CA GLU C 208 32.64 -8.63 -22.43
C GLU C 208 32.57 -9.75 -23.44
N MET C 209 32.15 -10.92 -22.96
CA MET C 209 31.99 -12.07 -23.82
C MET C 209 30.88 -11.82 -24.82
N LEU C 210 29.87 -11.06 -24.42
CA LEU C 210 28.74 -10.84 -25.29
C LEU C 210 29.10 -9.95 -26.46
N LYS C 211 29.86 -8.90 -26.18
CA LYS C 211 30.37 -8.03 -27.23
C LYS C 211 31.22 -8.85 -28.18
N ARG C 212 32.03 -9.75 -27.63
CA ARG C 212 32.91 -10.61 -28.40
C ARG C 212 32.11 -11.38 -29.43
N LYS C 213 31.26 -12.27 -28.92
CA LYS C 213 30.50 -13.16 -29.79
C LYS C 213 29.62 -12.41 -30.78
N ARG C 214 29.23 -11.17 -30.45
CA ARG C 214 28.35 -10.42 -31.32
C ARG C 214 29.14 -9.75 -32.44
N LYS C 215 30.34 -9.29 -32.12
CA LYS C 215 31.25 -8.85 -33.15
C LYS C 215 31.45 -10.00 -34.12
N LEU C 216 31.69 -11.18 -33.56
CA LEU C 216 31.99 -12.35 -34.37
C LEU C 216 30.89 -12.66 -35.36
S SO4 D . -26.61 21.91 -1.53
O1 SO4 D . -26.64 20.63 -0.85
O2 SO4 D . -26.40 23.00 -0.59
O3 SO4 D . -25.53 21.92 -2.52
O4 SO4 D . -27.88 22.11 -2.21
S SO4 E . -13.37 26.74 -20.34
O1 SO4 E . -14.39 26.20 -19.46
O2 SO4 E . -12.41 25.68 -20.67
O3 SO4 E . -13.99 27.23 -21.55
O4 SO4 E . -12.66 27.85 -19.70
S SO4 F . 6.44 17.73 4.15
O1 SO4 F . 5.47 16.64 4.17
O2 SO4 F . 7.51 17.42 5.09
O3 SO4 F . 6.99 17.85 2.80
O4 SO4 F . 5.78 18.96 4.51
NA NA G . 7.90 7.40 1.25
CL CL H . -11.22 16.01 17.36
CL CL I . -15.95 -14.04 30.38
CL CL J . 3.45 25.69 -4.02
CL CL K . -19.94 -0.07 17.79
C1 EDO L . -8.78 -1.52 21.33
O1 EDO L . -9.08 -0.12 21.41
C2 EDO L . -7.45 -1.82 22.03
O2 EDO L . -6.81 -2.92 21.38
C1 EDO M . -8.19 -5.05 -5.35
O1 EDO M . -8.59 -4.85 -6.71
C2 EDO M . -6.68 -4.98 -5.27
O2 EDO M . -6.29 -3.63 -5.52
C1 EDO N . -11.99 -2.55 4.29
O1 EDO N . -13.14 -3.40 4.27
C2 EDO N . -11.06 -2.99 3.19
O2 EDO N . -9.95 -2.09 3.14
C1 EDO O . -7.89 22.10 7.23
O1 EDO O . -9.24 21.67 7.12
C2 EDO O . -6.97 20.93 7.48
O2 EDO O . -5.73 21.42 7.93
C1 PEG P . -30.24 12.17 8.73
O1 PEG P . -29.05 12.38 9.35
C2 PEG P . -30.28 11.89 7.22
O2 PEG P . -29.13 11.84 6.51
C3 PEG P . -29.42 11.71 5.19
C4 PEG P . -29.35 10.33 4.53
O4 PEG P . -29.65 10.19 3.20
C1 PEG Q . -4.69 9.81 -8.57
O1 PEG Q . -3.75 10.25 -7.69
C2 PEG Q . -5.89 9.34 -7.86
O2 PEG Q . -6.37 8.17 -8.39
C3 PEG Q . -7.61 8.12 -8.92
C4 PEG Q . -8.38 7.09 -8.18
O4 PEG Q . -9.59 6.85 -8.76
C1 PEG R . -3.01 14.91 -9.30
O1 PEG R . -2.75 14.67 -10.60
C2 PEG R . -2.08 14.36 -8.21
O2 PEG R . -0.99 13.63 -8.55
C3 PEG R . -0.32 13.25 -7.44
C4 PEG R . 0.95 12.41 -7.55
O4 PEG R . 1.62 12.03 -6.44
C1 VIR S . -14.71 9.42 -18.82
C10 VIR S . -16.78 6.67 -14.09
C12 VIR S . -17.63 6.28 -16.04
C13 VIR S . -16.59 6.49 -12.61
C14 VIR S . -15.27 6.88 -12.00
C16 VIR S . -15.36 7.75 -10.75
C17 VIR S . -14.16 8.63 -10.71
C19 VIR S . -14.32 9.76 -11.64
C2 VIR S . -13.33 9.42 -18.74
C20 VIR S . -13.28 10.07 -12.48
C21 VIR S . -11.97 9.36 -12.38
C22 VIR S . -13.57 10.89 -13.72
C23 VIR S . -12.57 11.76 -14.08
C24 VIR S . -12.93 13.00 -14.87
C26 VIR S . -13.41 13.08 -17.28
C28 VIR S . -13.02 12.71 -18.69
C29 VIR S . -14.08 12.46 -19.57
C3 VIR S . -12.94 8.71 -17.45
C30 VIR S . -13.83 12.42 -21.04
C31 VIR S . -12.60 11.67 -21.31
C32 VIR S . -14.97 11.69 -21.64
C33 VIR S . -14.82 11.75 -23.13
C34 VIR S . -16.03 11.08 -23.76
C35 VIR S . -14.68 13.17 -23.65
C37 VIR S . -15.56 10.04 -19.91
C4 VIR S . -14.15 8.88 -16.63
C6 VIR S . -16.39 7.98 -17.45
C8 VIR S . -16.69 7.30 -16.15
N25 VIR S . -12.53 12.65 -16.21
N5 VIR S . -15.17 8.72 -17.62
N9 VIR S . -16.18 7.51 -14.92
O11 VIR S . -17.66 5.93 -14.75
O15 VIR S . -14.20 6.48 -12.45
O18 VIR S . -13.68 8.98 -9.48
O27 VIR S . -14.40 13.71 -17.04
O36 VIR S . -14.97 10.39 -21.16
O38 VIR S . -16.64 10.53 -19.57
O7 VIR S . -17.20 7.88 -18.34
S SO4 T . 15.64 7.27 8.67
O1 SO4 T . 14.91 6.01 8.76
O2 SO4 T . 16.96 7.04 9.21
O3 SO4 T . 15.71 7.70 7.29
O4 SO4 T . 14.96 8.28 9.44
S SO4 U . 7.74 -20.20 23.03
O1 SO4 U . 8.01 -21.13 24.10
O2 SO4 U . 8.93 -19.51 22.59
O3 SO4 U . 7.19 -20.93 21.90
O4 SO4 U . 6.78 -19.22 23.49
S SO4 V . 27.98 -18.62 -13.65
O1 SO4 V . 28.20 -19.88 -12.96
O2 SO4 V . 28.72 -17.54 -13.02
O3 SO4 V . 28.44 -18.77 -15.03
O4 SO4 V . 26.56 -18.30 -13.65
CL CL W . 15.01 -10.03 17.19
CL CL X . 17.78 8.42 29.89
CL CL Y . -8.91 -5.69 2.32
C1 EDO Z . 20.97 -2.93 37.59
O1 EDO Z . 21.23 -4.19 36.96
C2 EDO Z . 20.77 -3.16 39.08
O2 EDO Z . 19.69 -4.09 39.25
C1 EDO AA . -0.99 2.38 13.10
O1 EDO AA . -0.01 3.15 12.40
C2 EDO AA . -0.53 0.92 13.20
O2 EDO AA . -0.01 0.65 14.51
C1 EDO BA . 19.74 -2.47 8.65
O1 EDO BA . 19.87 -1.13 9.14
C2 EDO BA . 20.06 -2.48 7.16
O2 EDO BA . 19.82 -3.78 6.63
C1 EDO CA . 5.31 -17.94 28.06
O1 EDO CA . 5.71 -17.30 26.88
C2 EDO CA . 5.67 -17.03 29.20
O2 EDO CA . 5.14 -17.64 30.38
C1 EDO DA . 4.10 -18.86 -2.33
O1 EDO DA . 4.88 -19.35 -3.43
C2 EDO DA . 4.16 -17.34 -2.33
O2 EDO DA . 4.28 -16.89 -3.69
C1 PEG EA . 2.24 6.96 12.65
O1 PEG EA . 2.88 7.31 11.50
C2 PEG EA . 2.62 5.68 13.37
O2 PEG EA . 1.93 5.40 14.49
C3 PEG EA . 2.31 4.26 15.10
C4 PEG EA . 1.54 3.95 16.37
O4 PEG EA . 0.59 4.83 16.76
C1 PGE FA . 7.06 -20.56 -9.83
O1 PGE FA . 8.26 -20.65 -9.06
C2 PGE FA . 6.54 -19.14 -9.72
O2 PGE FA . 7.50 -18.24 -10.24
C3 PGE FA . 7.17 -16.90 -9.90
C4 PGE FA . 8.11 -16.00 -10.71
O4 PGE FA . 9.90 -15.67 -8.41
C6 PGE FA . 9.59 -14.28 -8.65
C5 PGE FA . 9.08 -13.98 -10.07
O3 PGE FA . 7.86 -14.64 -10.40
C1 PGE GA . -3.88 -2.38 13.12
O1 PGE GA . -3.43 -1.12 12.78
C2 PGE GA . -3.50 -2.79 14.53
O2 PGE GA . -2.58 -3.89 14.51
C3 PGE GA . -2.69 -5.01 15.34
C4 PGE GA . -4.11 -5.41 15.48
O4 PGE GA . -7.82 -6.37 17.88
C6 PGE GA . -6.56 -5.91 18.12
C5 PGE GA . -5.61 -6.41 16.99
O3 PGE GA . -4.49 -5.62 16.79
S SO4 HA . 6.98 -8.63 -30.12
O1 SO4 HA . 5.73 -9.30 -29.85
O2 SO4 HA . 8.02 -9.19 -29.29
O3 SO4 HA . 7.32 -8.80 -31.52
O4 SO4 HA . 6.84 -7.21 -29.86
S SO4 IA . 15.31 10.76 -6.00
O1 SO4 IA . 14.52 9.63 -6.47
O2 SO4 IA . 16.39 10.27 -5.17
O3 SO4 IA . 15.84 11.46 -7.15
O4 SO4 IA . 14.48 11.69 -5.22
CL CL JA . -4.31 -9.86 -2.00
CL CL KA . -30.29 11.30 -21.38
C1 EDO LA . 16.03 -3.97 -4.15
O1 EDO LA . 14.95 -3.14 -4.57
C2 EDO LA . 16.08 -5.21 -5.03
O2 EDO LA . 14.74 -5.56 -5.42
C1 EDO MA . -2.20 -22.02 -24.06
O1 EDO MA . -3.30 -21.50 -24.83
C2 EDO MA . -2.73 -22.95 -22.99
O2 EDO MA . -2.18 -24.27 -23.12
C1 EDO NA . -17.21 23.44 -18.67
O1 EDO NA . -17.33 24.75 -18.10
C2 EDO NA . -16.97 23.59 -20.17
O2 EDO NA . -16.50 22.35 -20.68
C1 EDO OA . 13.58 -2.06 -28.66
O1 EDO OA . 13.27 -0.65 -28.61
C2 EDO OA . 12.43 -2.79 -29.35
O2 EDO OA . 11.82 -1.91 -30.29
C1 EDO PA . 6.65 -17.15 -31.89
O1 EDO PA . 7.82 -16.36 -31.66
C2 EDO PA . 7.00 -18.62 -31.69
O2 EDO PA . 5.80 -19.40 -31.75
C1 EDO QA . -7.67 4.03 -30.73
O1 EDO QA . -7.49 2.61 -30.82
C2 EDO QA . -8.26 4.37 -29.37
O2 EDO QA . -9.64 4.75 -29.54
#